data_3WA2
#
_entry.id   3WA2
#
_cell.length_a   157.745
_cell.length_b   62.379
_cell.length_c   92.076
_cell.angle_alpha   90.00
_cell.angle_beta   112.10
_cell.angle_gamma   90.00
#
_symmetry.space_group_name_H-M   'C 1 2 1'
#
loop_
_entity.id
_entity.type
_entity.pdbx_description
1 polymer 'Phenylethylamine oxidase'
2 non-polymer 'COPPER (II) ION'
3 non-polymer 'SODIUM ION'
4 non-polymer 1,2-ETHANEDIOL
5 non-polymer DI(HYDROXYETHYL)ETHER
6 non-polymer 'TRIETHYLENE GLYCOL'
7 non-polymer 'TETRAETHYLENE GLYCOL'
8 non-polymer 'PENTAETHYLENE GLYCOL'
9 non-polymer 'OXYGEN MOLECULE'
10 water water
#
_entity_poly.entity_id   1
_entity_poly.type   'polypeptide(L)'
_entity_poly.pdbx_seq_one_letter_code
;ASPFRLASAGEISEVQGILRTAGLLGPEKRIAYLGVLDPARGAGSEAEDRRFRVFIHDVSGARPQEVTVSVTNGTVISAV
ELDTAATGELPVLEEEFEVVEQLLATDERWLKALAARNLDVSKVRVAPLSAGVFEYAEERGRRILRGLAFVQDFPEDSAW
AHPVDGLVAYVDVVSKEVTRVIDTGVFPVPAEHGNYTDPELTGPLRTTQKPISITQPEGPSFTVTGGNHIEWEKWSLDVG
FDVREGVVLHNIAFRDGDRLRPIINRASIAEMVVPYGDPSPIRSWQNYFDTGEYLVGQYANSLELGCDCLGDITYLSPVI
SDAFGNPREIRNGICMHEEDWGILAKHSDLWSGINYTRRNRRMVISFFTTIGN(TPQ)DYGFYWYLYLDGTIEFEAKATG
VVFTSAFPEGGSDNISQLAPGLGAPFHQHIFSARLDMAIDGFTNRVEEEDVVRQTMGPGNERGNAFSRKRTVLTRESEAV
READARTGRTWIISNPESKNRLNEPVGYKLHAHNQPTLLADPGSSIARRAAFATKDLWVTRYADDERYPTGDFVNQHSGG
AGLPSYIAQDRDIDGQDIVVWHTFGLTHFPRVEDWPIMPVDTVGFKLRPEGFFDRSPVLDVPANP
;
_entity_poly.pdbx_strand_id   X
#
loop_
_chem_comp.id
_chem_comp.type
_chem_comp.name
_chem_comp.formula
1PE non-polymer 'PENTAETHYLENE GLYCOL' 'C10 H22 O6'
CU non-polymer 'COPPER (II) ION' 'Cu 2'
EDO non-polymer 1,2-ETHANEDIOL 'C2 H6 O2'
NA non-polymer 'SODIUM ION' 'Na 1'
OXY non-polymer 'OXYGEN MOLECULE' O2
PEG non-polymer DI(HYDROXYETHYL)ETHER 'C4 H10 O3'
PG4 non-polymer 'TETRAETHYLENE GLYCOL' 'C8 H18 O5'
PGE non-polymer 'TRIETHYLENE GLYCOL' 'C6 H14 O4'
#
# COMPACT_ATOMS: atom_id res chain seq x y z
N ALA A 1 -27.05 -10.23 -7.61
CA ALA A 1 -26.05 -9.59 -6.74
C ALA A 1 -24.71 -9.46 -7.45
N SER A 2 -24.03 -8.33 -7.27
CA SER A 2 -22.72 -8.15 -7.89
C SER A 2 -21.71 -9.08 -7.27
N PRO A 3 -20.98 -9.80 -8.12
CA PRO A 3 -19.90 -10.61 -7.58
C PRO A 3 -18.78 -9.78 -6.96
N PHE A 4 -18.78 -8.45 -7.15
CA PHE A 4 -17.76 -7.57 -6.59
C PHE A 4 -18.20 -6.87 -5.30
N ARG A 5 -19.34 -7.26 -4.73
CA ARG A 5 -19.80 -6.62 -3.51
C ARG A 5 -18.81 -6.86 -2.35
N LEU A 6 -18.83 -5.96 -1.38
CA LEU A 6 -18.05 -6.14 -0.18
C LEU A 6 -18.45 -7.41 0.55
N ALA A 7 -17.50 -8.07 1.20
CA ALA A 7 -17.82 -9.17 2.12
C ALA A 7 -18.80 -8.70 3.18
N SER A 8 -19.81 -9.52 3.48
CA SER A 8 -20.73 -9.20 4.56
C SER A 8 -20.38 -10.02 5.79
N ALA A 9 -20.89 -9.56 6.93
CA ALA A 9 -20.70 -10.26 8.19
C ALA A 9 -21.14 -11.72 8.07
N GLY A 10 -22.27 -11.96 7.40
CA GLY A 10 -22.77 -13.31 7.24
C GLY A 10 -21.87 -14.19 6.41
N GLU A 11 -21.22 -13.63 5.38
CA GLU A 11 -20.28 -14.41 4.62
C GLU A 11 -19.10 -14.84 5.50
N ILE A 12 -18.61 -13.92 6.33
N ILE A 12 -18.60 -13.93 6.33
CA ILE A 12 -17.52 -14.21 7.26
CA ILE A 12 -17.48 -14.30 7.17
C ILE A 12 -17.90 -15.37 8.15
C ILE A 12 -17.88 -15.39 8.18
N SER A 13 -19.07 -15.25 8.76
CA SER A 13 -19.57 -16.26 9.67
C SER A 13 -19.75 -17.58 8.97
N GLU A 14 -20.19 -17.55 7.73
CA GLU A 14 -20.32 -18.80 6.98
CA GLU A 14 -20.32 -18.75 6.93
C GLU A 14 -18.95 -19.42 6.69
N VAL A 15 -17.93 -18.61 6.38
CA VAL A 15 -16.60 -19.17 6.23
C VAL A 15 -16.17 -19.85 7.52
N GLN A 16 -16.39 -19.17 8.65
CA GLN A 16 -16.10 -19.76 9.95
C GLN A 16 -16.78 -21.12 10.11
N GLY A 17 -18.07 -21.18 9.78
CA GLY A 17 -18.83 -22.40 9.95
C GLY A 17 -18.35 -23.50 9.04
N ILE A 18 -18.04 -23.14 7.79
CA ILE A 18 -17.52 -24.11 6.85
C ILE A 18 -16.19 -24.70 7.33
N LEU A 19 -15.26 -23.83 7.76
CA LEU A 19 -13.98 -24.28 8.27
C LEU A 19 -14.16 -25.17 9.48
N ARG A 20 -15.05 -24.77 10.38
CA ARG A 20 -15.34 -25.56 11.59
C ARG A 20 -15.79 -26.95 11.21
N THR A 21 -16.80 -27.03 10.34
CA THR A 21 -17.40 -28.30 10.00
C THR A 21 -16.36 -29.20 9.29
N ALA A 22 -15.42 -28.59 8.56
CA ALA A 22 -14.40 -29.35 7.85
C ALA A 22 -13.21 -29.80 8.72
N GLY A 23 -13.19 -29.38 9.98
CA GLY A 23 -12.11 -29.74 10.88
C GLY A 23 -10.88 -28.86 10.81
N LEU A 24 -11.04 -27.67 10.23
CA LEU A 24 -9.92 -26.78 9.95
C LEU A 24 -9.85 -25.60 10.89
N LEU A 25 -10.81 -25.50 11.82
CA LEU A 25 -10.84 -24.35 12.72
C LEU A 25 -11.18 -24.74 14.17
N GLY A 26 -10.40 -25.65 14.72
CA GLY A 26 -10.48 -25.96 16.14
C GLY A 26 -9.93 -24.82 16.99
N PRO A 27 -9.96 -25.02 18.32
CA PRO A 27 -9.61 -23.94 19.27
C PRO A 27 -8.13 -23.50 19.24
N GLU A 28 -7.25 -24.30 18.64
CA GLU A 28 -5.85 -23.93 18.51
C GLU A 28 -5.57 -23.09 17.25
N LYS A 29 -6.57 -22.86 16.41
CA LYS A 29 -6.40 -22.17 15.13
C LYS A 29 -6.65 -20.66 15.24
N ARG A 30 -5.93 -19.89 14.43
CA ARG A 30 -6.08 -18.45 14.40
C ARG A 30 -6.03 -18.03 12.96
N ILE A 31 -7.03 -17.26 12.54
CA ILE A 31 -7.06 -16.74 11.17
C ILE A 31 -6.12 -15.52 11.07
N ALA A 32 -5.07 -15.64 10.24
CA ALA A 32 -4.10 -14.57 10.06
C ALA A 32 -4.43 -13.69 8.86
N TYR A 33 -5.25 -14.22 7.95
CA TYR A 33 -5.70 -13.49 6.75
C TYR A 33 -6.99 -14.15 6.27
N LEU A 34 -7.97 -13.34 5.88
CA LEU A 34 -9.19 -13.85 5.28
C LEU A 34 -9.69 -12.78 4.31
N GLY A 35 -10.03 -13.17 3.08
CA GLY A 35 -10.61 -12.21 2.17
C GLY A 35 -11.32 -12.89 1.02
N VAL A 36 -12.30 -12.19 0.45
CA VAL A 36 -12.99 -12.68 -0.73
C VAL A 36 -12.04 -12.65 -1.90
N LEU A 37 -12.17 -13.65 -2.75
CA LEU A 37 -11.50 -13.69 -4.04
C LEU A 37 -12.32 -13.03 -5.12
N ASP A 38 -11.64 -12.45 -6.09
CA ASP A 38 -12.31 -11.85 -7.22
C ASP A 38 -12.84 -12.94 -8.13
N PRO A 39 -13.86 -12.62 -8.93
CA PRO A 39 -14.40 -13.60 -9.88
C PRO A 39 -13.36 -13.99 -10.90
N ALA A 40 -13.41 -15.22 -11.36
CA ALA A 40 -12.56 -15.68 -12.45
C ALA A 40 -12.93 -14.97 -13.75
N ARG A 41 -11.96 -14.90 -14.66
CA ARG A 41 -12.20 -14.36 -16.00
C ARG A 41 -13.31 -15.14 -16.69
N GLY A 42 -14.17 -14.41 -17.40
CA GLY A 42 -15.25 -15.03 -18.17
C GLY A 42 -16.33 -15.66 -17.31
N ALA A 43 -16.35 -15.32 -16.03
CA ALA A 43 -17.31 -15.91 -15.10
C ALA A 43 -18.56 -15.06 -14.98
N GLY A 44 -18.49 -13.81 -15.44
CA GLY A 44 -19.60 -12.88 -15.40
C GLY A 44 -20.92 -13.56 -15.69
N SER A 45 -20.91 -14.46 -16.68
CA SER A 45 -22.01 -15.38 -16.91
C SER A 45 -21.57 -16.79 -16.49
N GLU A 46 -22.12 -17.33 -15.40
CA GLU A 46 -23.13 -16.68 -14.56
C GLU A 46 -23.17 -17.44 -13.24
N ALA A 47 -24.06 -16.98 -12.35
CA ALA A 47 -24.37 -17.65 -11.08
C ALA A 47 -23.27 -17.37 -10.07
N GLU A 48 -23.70 -17.14 -8.84
CA GLU A 48 -22.79 -16.81 -7.75
C GLU A 48 -21.73 -17.86 -7.56
N ASP A 49 -20.56 -17.39 -7.11
N ASP A 49 -20.48 -17.44 -7.39
CA ASP A 49 -19.42 -18.25 -6.84
CA ASP A 49 -19.49 -18.28 -6.70
C ASP A 49 -18.44 -17.57 -5.86
C ASP A 49 -18.54 -17.35 -5.97
N ARG A 50 -18.97 -17.05 -4.76
CA ARG A 50 -18.20 -16.26 -3.81
C ARG A 50 -17.26 -17.18 -3.06
N ARG A 51 -15.97 -17.00 -3.31
CA ARG A 51 -14.94 -17.79 -2.67
C ARG A 51 -14.09 -16.92 -1.76
N PHE A 52 -13.64 -17.48 -0.64
CA PHE A 52 -12.79 -16.80 0.32
C PHE A 52 -11.48 -17.57 0.52
N ARG A 53 -10.38 -16.84 0.64
N ARG A 53 -10.38 -16.84 0.61
CA ARG A 53 -9.09 -17.44 0.89
CA ARG A 53 -9.07 -17.40 0.87
C ARG A 53 -8.63 -17.08 2.30
C ARG A 53 -8.72 -17.10 2.32
N VAL A 54 -8.11 -18.07 3.01
CA VAL A 54 -7.86 -17.97 4.43
C VAL A 54 -6.47 -18.52 4.73
N PHE A 55 -5.70 -17.81 5.56
CA PHE A 55 -4.42 -18.31 6.08
C PHE A 55 -4.67 -18.61 7.56
N ILE A 56 -4.44 -19.85 7.97
CA ILE A 56 -4.78 -20.30 9.31
C ILE A 56 -3.52 -20.74 10.08
N HIS A 57 -3.22 -19.99 11.13
CA HIS A 57 -2.11 -20.26 12.04
C HIS A 57 -2.55 -21.27 13.10
N ASP A 58 -1.59 -21.96 13.69
CA ASP A 58 -1.86 -22.92 14.75
C ASP A 58 -0.97 -22.61 15.94
N VAL A 59 -1.56 -22.29 17.08
CA VAL A 59 -0.77 -21.86 18.24
C VAL A 59 -0.09 -23.03 18.98
N SER A 60 -0.44 -24.25 18.62
CA SER A 60 0.11 -25.42 19.30
C SER A 60 1.42 -25.91 18.67
N GLY A 61 1.80 -25.33 17.53
CA GLY A 61 3.04 -25.70 16.88
C GLY A 61 2.88 -26.51 15.61
N ALA A 62 1.64 -26.87 15.28
CA ALA A 62 1.37 -27.62 14.07
C ALA A 62 1.50 -26.70 12.87
N ARG A 63 1.57 -27.28 11.69
CA ARG A 63 1.73 -26.51 10.46
CA ARG A 63 1.76 -26.45 10.52
C ARG A 63 0.51 -25.65 10.16
N PRO A 64 0.73 -24.44 9.64
CA PRO A 64 -0.39 -23.61 9.22
C PRO A 64 -0.95 -24.08 7.90
N GLN A 65 -2.09 -23.53 7.51
CA GLN A 65 -2.75 -23.94 6.29
CA GLN A 65 -2.75 -23.94 6.28
C GLN A 65 -3.22 -22.76 5.46
N GLU A 66 -3.21 -22.96 4.16
CA GLU A 66 -3.89 -22.04 3.24
C GLU A 66 -5.15 -22.75 2.75
N VAL A 67 -6.30 -22.10 2.89
CA VAL A 67 -7.59 -22.72 2.57
C VAL A 67 -8.43 -21.79 1.70
N THR A 68 -9.05 -22.35 0.65
CA THR A 68 -10.07 -21.61 -0.10
C THR A 68 -11.41 -22.30 0.11
N VAL A 69 -12.42 -21.50 0.45
CA VAL A 69 -13.77 -22.04 0.58
CA VAL A 69 -13.79 -21.94 0.71
C VAL A 69 -14.73 -21.33 -0.33
N SER A 70 -15.78 -22.08 -0.71
CA SER A 70 -16.90 -21.53 -1.46
C SER A 70 -17.99 -21.22 -0.47
N VAL A 71 -18.22 -19.96 -0.14
CA VAL A 71 -19.31 -19.64 0.78
CA VAL A 71 -19.30 -19.59 0.76
C VAL A 71 -20.64 -19.85 0.07
N THR A 72 -20.67 -19.71 -1.25
CA THR A 72 -21.89 -19.97 -2.01
C THR A 72 -22.37 -21.39 -1.79
N ASN A 73 -21.45 -22.35 -1.84
CA ASN A 73 -21.83 -23.75 -1.81
C ASN A 73 -21.57 -24.44 -0.48
N GLY A 74 -20.98 -23.72 0.45
CA GLY A 74 -20.73 -24.27 1.77
C GLY A 74 -19.66 -25.35 1.80
N THR A 75 -18.67 -25.22 0.94
CA THR A 75 -17.62 -26.23 0.75
C THR A 75 -16.20 -25.71 0.86
N VAL A 76 -15.27 -26.58 1.23
CA VAL A 76 -13.84 -26.32 1.11
C VAL A 76 -13.41 -26.72 -0.29
N ILE A 77 -12.83 -25.75 -1.01
N ILE A 77 -12.90 -25.77 -1.07
CA ILE A 77 -12.27 -25.94 -2.34
CA ILE A 77 -12.44 -26.10 -2.40
C ILE A 77 -10.86 -26.54 -2.34
C ILE A 77 -11.05 -26.73 -2.30
N SER A 78 -10.00 -26.01 -1.46
N SER A 78 -10.27 -26.23 -1.35
CA SER A 78 -8.63 -26.50 -1.34
CA SER A 78 -8.89 -26.65 -1.19
C SER A 78 -8.16 -26.19 0.06
C SER A 78 -8.36 -26.32 0.19
N ALA A 79 -7.36 -27.08 0.63
CA ALA A 79 -6.72 -26.87 1.92
C ALA A 79 -5.35 -27.51 1.87
N VAL A 80 -4.30 -26.75 2.14
CA VAL A 80 -2.94 -27.26 2.07
CA VAL A 80 -2.97 -27.32 2.12
C VAL A 80 -2.12 -26.84 3.28
N GLU A 81 -1.38 -27.79 3.86
CA GLU A 81 -0.45 -27.49 4.94
C GLU A 81 0.79 -26.83 4.37
N LEU A 82 1.25 -25.77 5.04
CA LEU A 82 2.38 -24.97 4.57
C LEU A 82 3.65 -25.34 5.32
N ASP A 83 4.74 -25.40 4.57
CA ASP A 83 6.09 -25.55 5.12
C ASP A 83 6.69 -24.14 5.15
N THR A 84 6.67 -23.50 6.32
CA THR A 84 6.92 -22.06 6.35
C THR A 84 8.38 -21.73 6.08
N ALA A 85 9.30 -22.67 6.33
CA ALA A 85 10.71 -22.44 5.97
C ALA A 85 10.88 -22.31 4.47
N ALA A 86 10.01 -22.97 3.71
CA ALA A 86 10.04 -22.87 2.26
C ALA A 86 9.26 -21.63 1.79
N THR A 87 7.98 -21.55 2.12
CA THR A 87 7.13 -20.56 1.45
C THR A 87 6.83 -19.29 2.23
N GLY A 88 7.35 -19.19 3.46
CA GLY A 88 7.19 -18.00 4.29
C GLY A 88 6.26 -18.20 5.47
N GLU A 89 6.45 -17.36 6.48
CA GLU A 89 5.56 -17.35 7.62
C GLU A 89 4.29 -16.55 7.31
N LEU A 90 3.23 -16.82 8.07
N LEU A 90 3.29 -16.73 8.16
CA LEU A 90 1.97 -16.09 7.90
CA LEU A 90 2.03 -16.04 8.00
C LEU A 90 2.12 -14.67 8.47
C LEU A 90 2.18 -14.59 8.47
N PRO A 91 1.25 -13.73 8.04
CA PRO A 91 1.27 -12.34 8.53
C PRO A 91 1.25 -12.23 10.05
N VAL A 92 1.83 -11.14 10.58
CA VAL A 92 1.83 -10.87 12.01
C VAL A 92 0.38 -10.85 12.52
N LEU A 93 0.14 -11.47 13.66
CA LEU A 93 -1.20 -11.51 14.26
C LEU A 93 -1.38 -10.38 15.22
N GLU A 94 -2.61 -9.87 15.28
CA GLU A 94 -2.97 -8.85 16.23
C GLU A 94 -2.60 -9.29 17.66
N GLU A 95 -2.84 -10.55 17.99
CA GLU A 95 -2.61 -11.02 19.35
CA GLU A 95 -2.60 -11.11 19.32
C GLU A 95 -1.12 -11.08 19.70
N GLU A 96 -0.27 -10.84 18.71
CA GLU A 96 1.17 -10.71 18.97
C GLU A 96 1.57 -9.29 19.40
N PHE A 97 0.62 -8.36 19.49
CA PHE A 97 0.96 -6.97 19.81
C PHE A 97 1.82 -6.84 21.05
N GLU A 98 1.49 -7.59 22.08
CA GLU A 98 2.13 -7.42 23.37
C GLU A 98 3.06 -8.58 23.70
N VAL A 99 3.14 -9.60 22.86
CA VAL A 99 3.88 -10.81 23.23
CA VAL A 99 3.89 -10.80 23.21
C VAL A 99 5.39 -10.55 23.36
N VAL A 100 5.97 -9.71 22.50
CA VAL A 100 7.40 -9.49 22.54
C VAL A 100 7.76 -8.81 23.88
N GLU A 101 6.98 -7.78 24.25
CA GLU A 101 7.21 -7.08 25.50
C GLU A 101 7.08 -8.02 26.69
N GLN A 102 6.03 -8.84 26.66
CA GLN A 102 5.71 -9.76 27.74
C GLN A 102 6.80 -10.79 27.97
N LEU A 103 7.28 -11.38 26.88
N LEU A 103 7.36 -11.35 26.91
CA LEU A 103 8.33 -12.38 26.96
CA LEU A 103 8.36 -12.41 27.09
C LEU A 103 9.56 -11.71 27.58
C LEU A 103 9.74 -11.83 27.40
N LEU A 104 9.97 -10.59 26.99
CA LEU A 104 11.19 -9.92 27.37
C LEU A 104 11.20 -9.49 28.83
N ALA A 105 10.04 -9.14 29.37
CA ALA A 105 9.95 -8.60 30.71
C ALA A 105 10.41 -9.59 31.80
N THR A 106 10.44 -10.88 31.49
CA THR A 106 10.89 -11.89 32.45
C THR A 106 12.22 -12.53 32.05
N ASP A 107 12.87 -11.98 31.03
CA ASP A 107 14.13 -12.52 30.57
C ASP A 107 15.30 -11.85 31.28
N GLU A 108 16.17 -12.65 31.88
CA GLU A 108 17.25 -12.09 32.67
C GLU A 108 18.22 -11.21 31.88
N ARG A 109 18.47 -11.55 30.61
CA ARG A 109 19.37 -10.75 29.80
C ARG A 109 18.76 -9.38 29.51
N TRP A 110 17.46 -9.38 29.18
CA TRP A 110 16.74 -8.13 28.94
C TRP A 110 16.74 -7.27 30.20
N LEU A 111 16.38 -7.90 31.32
CA LEU A 111 16.38 -7.17 32.59
C LEU A 111 17.74 -6.61 32.96
N LYS A 112 18.80 -7.35 32.66
CA LYS A 112 20.14 -6.85 32.93
C LYS A 112 20.43 -5.57 32.12
N ALA A 113 20.03 -5.59 30.84
CA ALA A 113 20.24 -4.45 29.99
C ALA A 113 19.46 -3.24 30.49
N LEU A 114 18.21 -3.47 30.91
CA LEU A 114 17.39 -2.37 31.44
C LEU A 114 17.97 -1.84 32.75
N ALA A 115 18.48 -2.74 33.61
CA ALA A 115 18.99 -2.33 34.91
C ALA A 115 20.25 -1.48 34.75
N ALA A 116 21.07 -1.80 33.76
CA ALA A 116 22.27 -1.00 33.51
C ALA A 116 21.92 0.44 33.16
N ARG A 117 20.74 0.60 32.56
CA ARG A 117 20.26 1.89 32.09
C ARG A 117 19.30 2.54 33.07
N ASN A 118 19.11 1.92 34.23
CA ASN A 118 18.19 2.45 35.24
C ASN A 118 16.80 2.68 34.70
N LEU A 119 16.33 1.74 33.89
CA LEU A 119 14.98 1.84 33.32
C LEU A 119 14.03 0.86 34.01
N ASP A 120 12.86 1.36 34.39
CA ASP A 120 11.83 0.56 35.00
C ASP A 120 11.15 -0.32 33.95
N VAL A 121 11.28 -1.63 34.08
CA VAL A 121 10.73 -2.54 33.08
C VAL A 121 9.23 -2.30 32.86
N SER A 122 8.50 -1.83 33.87
CA SER A 122 7.06 -1.64 33.71
C SER A 122 6.78 -0.48 32.75
N LYS A 123 7.79 0.34 32.46
CA LYS A 123 7.63 1.49 31.60
CA LYS A 123 7.67 1.50 31.60
C LYS A 123 8.22 1.28 30.21
N VAL A 124 8.76 0.10 29.95
CA VAL A 124 9.41 -0.18 28.69
C VAL A 124 8.42 -0.84 27.72
N ARG A 125 8.13 -0.12 26.65
CA ARG A 125 7.32 -0.63 25.55
C ARG A 125 8.20 -1.32 24.51
N VAL A 126 7.77 -2.47 23.99
N VAL A 126 7.65 -2.38 23.92
CA VAL A 126 8.57 -3.18 23.01
CA VAL A 126 8.24 -3.12 22.80
C VAL A 126 7.96 -3.14 21.60
C VAL A 126 7.14 -3.61 21.82
N ALA A 127 7.03 -4.06 21.27
N ALA A 127 7.38 -3.45 20.51
CA ALA A 127 6.30 -4.16 19.96
CA ALA A 127 6.42 -3.79 19.45
C ALA A 127 6.61 -5.44 19.15
C ALA A 127 6.76 -5.13 18.80
N PRO A 128 5.80 -5.74 18.11
CA PRO A 128 6.08 -6.94 17.31
C PRO A 128 6.77 -6.51 16.00
N LEU A 129 8.10 -6.31 16.00
CA LEU A 129 8.79 -5.89 14.77
C LEU A 129 9.07 -7.09 13.90
N SER A 130 8.75 -7.00 12.60
CA SER A 130 9.03 -8.11 11.71
C SER A 130 10.53 -8.38 11.61
N ALA A 131 10.85 -9.65 11.39
CA ALA A 131 12.21 -10.09 11.58
C ALA A 131 13.03 -10.09 10.30
N GLY A 132 12.41 -10.28 9.15
CA GLY A 132 13.15 -10.53 7.92
C GLY A 132 13.96 -11.79 7.98
N VAL A 133 14.96 -11.88 7.11
CA VAL A 133 15.83 -13.05 6.98
C VAL A 133 17.28 -12.59 6.89
N PHE A 134 18.06 -12.94 7.91
CA PHE A 134 19.46 -12.54 8.00
C PHE A 134 20.33 -13.76 8.25
N GLU A 135 21.22 -13.73 9.23
CA GLU A 135 22.24 -14.77 9.34
C GLU A 135 21.93 -15.82 10.40
N TYR A 136 20.72 -15.78 10.94
CA TYR A 136 20.41 -16.61 12.11
C TYR A 136 19.70 -17.92 11.72
N ALA A 137 20.46 -19.00 11.68
CA ALA A 137 19.96 -20.26 11.15
C ALA A 137 18.79 -20.82 11.95
N GLU A 138 18.75 -20.56 13.25
CA GLU A 138 17.70 -21.05 14.12
C GLU A 138 16.33 -20.45 13.79
N GLU A 139 16.31 -19.36 13.03
CA GLU A 139 15.05 -18.69 12.71
C GLU A 139 14.32 -19.30 11.52
N ARG A 140 15.00 -20.12 10.73
CA ARG A 140 14.40 -20.65 9.52
CA ARG A 140 14.41 -20.67 9.51
C ARG A 140 13.32 -21.67 9.89
N GLY A 141 12.10 -21.39 9.44
CA GLY A 141 10.94 -22.21 9.77
C GLY A 141 10.32 -21.90 11.11
N ARG A 142 10.83 -20.89 11.80
CA ARG A 142 10.27 -20.44 13.05
C ARG A 142 9.63 -19.05 12.90
N ARG A 143 8.56 -18.83 13.65
CA ARG A 143 7.89 -17.56 13.68
C ARG A 143 8.57 -16.63 14.71
N ILE A 144 9.33 -15.65 14.22
CA ILE A 144 10.18 -14.81 15.04
C ILE A 144 9.64 -13.38 14.96
N LEU A 145 9.71 -12.66 16.08
CA LEU A 145 9.58 -11.21 16.05
C LEU A 145 10.79 -10.60 16.75
N ARG A 146 11.15 -9.37 16.36
CA ARG A 146 12.25 -8.68 17.00
C ARG A 146 11.64 -7.55 17.83
N GLY A 147 12.38 -7.04 18.79
CA GLY A 147 11.86 -6.02 19.69
C GLY A 147 12.87 -4.93 19.96
N LEU A 148 12.42 -3.68 19.88
CA LEU A 148 13.20 -2.50 20.26
C LEU A 148 12.45 -1.79 21.38
N ALA A 149 13.20 -1.30 22.37
CA ALA A 149 12.62 -0.68 23.57
C ALA A 149 12.46 0.81 23.43
N PHE A 150 11.35 1.29 23.96
CA PHE A 150 11.01 2.69 24.04
C PHE A 150 10.38 2.92 25.40
N VAL A 151 10.83 3.94 26.10
CA VAL A 151 10.34 4.23 27.45
C VAL A 151 9.12 5.16 27.44
N GLN A 152 8.08 4.78 28.20
CA GLN A 152 6.95 5.65 28.46
C GLN A 152 7.04 6.12 29.89
N ASP A 153 7.26 7.42 30.10
CA ASP A 153 7.40 7.95 31.45
C ASP A 153 6.14 7.87 32.28
N PHE A 154 4.99 7.84 31.61
CA PHE A 154 3.69 7.71 32.23
C PHE A 154 2.78 7.17 31.12
N PRO A 155 1.59 6.68 31.48
CA PRO A 155 0.85 5.91 30.47
C PRO A 155 0.40 6.67 29.22
N GLU A 156 0.27 8.00 29.29
CA GLU A 156 -0.09 8.80 28.11
C GLU A 156 1.10 9.47 27.42
N ASP A 157 2.31 9.06 27.78
CA ASP A 157 3.54 9.58 27.20
C ASP A 157 3.79 8.97 25.84
N SER A 158 4.40 9.76 24.95
CA SER A 158 4.81 9.24 23.64
C SER A 158 6.15 8.52 23.77
N ALA A 159 6.13 7.19 23.70
CA ALA A 159 7.33 6.38 23.94
C ALA A 159 8.41 6.66 22.91
N TRP A 160 7.97 7.10 21.72
CA TRP A 160 8.90 7.36 20.61
C TRP A 160 9.92 8.43 20.97
N ALA A 161 9.62 9.29 21.94
CA ALA A 161 10.60 10.28 22.37
C ALA A 161 11.78 9.68 23.11
N HIS A 162 11.67 8.42 23.54
CA HIS A 162 12.62 7.84 24.47
C HIS A 162 13.11 6.47 23.99
N PRO A 163 13.69 6.41 22.79
CA PRO A 163 14.25 5.15 22.32
C PRO A 163 15.42 4.69 23.19
N VAL A 164 15.53 3.38 23.36
CA VAL A 164 16.64 2.77 24.11
C VAL A 164 17.60 2.16 23.11
N ASP A 165 18.60 2.91 22.68
CA ASP A 165 19.49 2.42 21.63
C ASP A 165 20.52 1.46 22.22
N GLY A 166 21.18 0.72 21.33
CA GLY A 166 22.17 -0.24 21.76
C GLY A 166 21.61 -1.56 22.24
N LEU A 167 20.30 -1.78 22.08
CA LEU A 167 19.64 -2.96 22.63
C LEU A 167 18.60 -3.48 21.66
N VAL A 168 18.63 -4.78 21.37
CA VAL A 168 17.59 -5.39 20.54
C VAL A 168 17.44 -6.85 20.99
N ALA A 169 16.25 -7.40 20.87
CA ALA A 169 16.04 -8.79 21.22
C ALA A 169 15.18 -9.50 20.19
N TYR A 170 15.31 -10.80 20.12
CA TYR A 170 14.58 -11.62 19.17
C TYR A 170 13.79 -12.66 19.96
N VAL A 171 12.55 -12.91 19.57
N VAL A 171 12.58 -12.97 19.50
CA VAL A 171 11.77 -13.94 20.22
CA VAL A 171 11.66 -13.82 20.25
C VAL A 171 11.11 -14.89 19.24
C VAL A 171 10.98 -14.87 19.34
N ASP A 172 10.68 -16.02 19.81
N ASP A 172 11.25 -16.16 19.63
CA ASP A 172 9.85 -16.97 19.11
CA ASP A 172 10.55 -17.30 19.00
C ASP A 172 8.47 -16.88 19.71
C ASP A 172 9.14 -17.36 19.60
N VAL A 173 7.51 -16.48 18.88
N VAL A 173 8.18 -16.90 18.82
CA VAL A 173 6.17 -16.29 19.39
CA VAL A 173 6.82 -16.61 19.31
C VAL A 173 5.32 -17.58 19.40
C VAL A 173 6.08 -17.83 19.85
N VAL A 174 5.84 -18.73 18.93
CA VAL A 174 5.11 -19.96 19.20
C VAL A 174 5.61 -20.69 20.44
N SER A 175 6.92 -20.84 20.57
CA SER A 175 7.49 -21.50 21.74
C SER A 175 7.54 -20.57 22.95
N LYS A 176 7.29 -19.28 22.72
CA LYS A 176 7.30 -18.27 23.77
C LYS A 176 8.65 -18.27 24.45
N GLU A 177 9.71 -18.19 23.62
CA GLU A 177 11.10 -18.13 24.08
C GLU A 177 11.83 -16.91 23.54
N VAL A 178 12.73 -16.33 24.33
CA VAL A 178 13.62 -15.25 23.88
C VAL A 178 14.90 -15.86 23.33
N THR A 179 15.11 -15.77 22.02
CA THR A 179 16.26 -16.43 21.42
C THR A 179 17.58 -15.68 21.58
N ARG A 180 17.56 -14.37 21.45
CA ARG A 180 18.76 -13.58 21.59
CA ARG A 180 18.75 -13.54 21.53
C ARG A 180 18.45 -12.22 22.21
N VAL A 181 19.39 -11.73 23.02
CA VAL A 181 19.35 -10.35 23.52
C VAL A 181 20.71 -9.78 23.21
N ILE A 182 20.74 -8.69 22.44
CA ILE A 182 21.98 -8.09 21.99
C ILE A 182 22.10 -6.69 22.59
N ASP A 183 23.20 -6.41 23.28
CA ASP A 183 23.47 -5.11 23.89
C ASP A 183 24.83 -4.62 23.38
N THR A 184 24.84 -3.62 22.51
CA THR A 184 26.08 -3.10 21.93
C THR A 184 26.69 -1.98 22.78
N GLY A 185 25.99 -1.56 23.81
CA GLY A 185 26.49 -0.51 24.69
C GLY A 185 25.42 0.50 25.02
N VAL A 186 25.65 1.24 26.07
CA VAL A 186 24.67 2.17 26.57
CA VAL A 186 24.69 2.17 26.59
C VAL A 186 24.73 3.49 25.81
N PHE A 187 23.57 3.91 25.28
CA PHE A 187 23.38 5.25 24.77
C PHE A 187 22.46 5.96 25.74
N PRO A 188 22.67 7.27 25.97
CA PRO A 188 21.67 8.03 26.74
C PRO A 188 20.31 7.84 26.10
N VAL A 189 19.29 7.65 26.90
CA VAL A 189 17.93 7.66 26.42
C VAL A 189 17.48 9.10 26.34
N PRO A 190 17.05 9.58 25.16
CA PRO A 190 16.66 10.98 25.03
C PRO A 190 15.64 11.38 26.09
N ALA A 191 15.83 12.57 26.66
CA ALA A 191 15.07 12.99 27.81
C ALA A 191 13.80 13.77 27.52
N GLU A 192 13.80 14.61 26.48
CA GLU A 192 12.65 15.47 26.26
C GLU A 192 11.43 14.65 25.89
N HIS A 193 10.25 15.10 26.31
CA HIS A 193 9.03 14.44 25.88
C HIS A 193 8.65 14.89 24.47
N GLY A 194 7.80 14.09 23.84
CA GLY A 194 7.25 14.39 22.53
C GLY A 194 5.74 14.42 22.55
N ASN A 195 5.16 14.97 23.62
CA ASN A 195 3.72 14.95 23.82
C ASN A 195 3.05 16.16 23.17
N TYR A 196 2.60 15.93 21.94
CA TYR A 196 2.04 16.97 21.08
C TYR A 196 0.64 17.41 21.50
N THR A 197 0.09 16.89 22.60
CA THR A 197 -1.10 17.51 23.19
C THR A 197 -0.82 18.18 24.53
N ASP A 198 0.44 18.24 24.96
CA ASP A 198 0.82 18.93 26.20
C ASP A 198 0.97 20.42 25.90
N PRO A 199 0.19 21.28 26.59
CA PRO A 199 0.29 22.72 26.36
C PRO A 199 1.69 23.30 26.54
N GLU A 200 2.55 22.67 27.35
CA GLU A 200 3.89 23.20 27.54
CA GLU A 200 3.90 23.16 27.55
C GLU A 200 4.70 23.08 26.25
N LEU A 201 4.35 22.11 25.41
CA LEU A 201 5.06 21.91 24.16
C LEU A 201 4.34 22.54 22.98
N THR A 202 3.01 22.56 23.02
CA THR A 202 2.26 23.15 21.91
C THR A 202 2.27 24.67 21.97
N GLY A 203 2.33 25.20 23.19
CA GLY A 203 2.02 26.60 23.43
C GLY A 203 0.52 26.82 23.42
N PRO A 204 0.08 28.06 23.66
CA PRO A 204 -1.36 28.34 23.58
C PRO A 204 -1.86 28.06 22.17
N LEU A 205 -3.02 27.42 22.05
CA LEU A 205 -3.50 27.05 20.73
C LEU A 205 -3.94 28.27 19.95
N ARG A 206 -3.73 28.24 18.66
CA ARG A 206 -4.12 29.36 17.83
C ARG A 206 -5.61 29.63 17.92
N THR A 207 -5.97 30.91 17.91
CA THR A 207 -7.39 31.29 17.88
C THR A 207 -7.72 32.02 16.58
N THR A 208 -6.86 31.89 15.59
CA THR A 208 -6.96 32.67 14.37
C THR A 208 -7.63 31.95 13.22
N GLN A 209 -7.85 30.64 13.34
CA GLN A 209 -8.43 29.86 12.23
C GLN A 209 -9.94 29.98 12.23
N LYS A 210 -10.47 30.64 11.22
CA LYS A 210 -11.91 30.77 11.04
C LYS A 210 -12.41 29.57 10.25
N PRO A 211 -13.69 29.18 10.45
CA PRO A 211 -14.14 27.96 9.78
C PRO A 211 -14.18 28.06 8.26
N ILE A 212 -13.86 26.92 7.65
CA ILE A 212 -14.04 26.68 6.21
C ILE A 212 -15.10 25.60 6.10
N SER A 213 -16.26 25.97 5.57
CA SER A 213 -17.43 25.10 5.51
C SER A 213 -17.64 24.59 4.10
N ILE A 214 -17.67 23.28 3.94
CA ILE A 214 -17.89 22.65 2.65
C ILE A 214 -19.16 21.83 2.74
N THR A 215 -20.18 22.21 1.97
CA THR A 215 -21.47 21.54 2.02
C THR A 215 -22.00 21.25 0.62
N GLN A 216 -22.98 20.37 0.56
CA GLN A 216 -23.64 20.03 -0.69
C GLN A 216 -25.14 20.10 -0.43
N PRO A 217 -25.76 21.26 -0.73
CA PRO A 217 -27.16 21.44 -0.29
C PRO A 217 -28.13 20.49 -0.96
N GLU A 218 -27.76 19.95 -2.10
CA GLU A 218 -28.59 18.99 -2.83
C GLU A 218 -28.05 17.58 -2.69
N GLY A 219 -27.08 17.39 -1.80
CA GLY A 219 -26.46 16.09 -1.66
C GLY A 219 -25.39 15.87 -2.75
N PRO A 220 -24.76 14.70 -2.75
CA PRO A 220 -23.65 14.44 -3.67
C PRO A 220 -24.11 14.04 -5.06
N SER A 221 -23.19 14.15 -6.01
CA SER A 221 -23.47 13.85 -7.41
C SER A 221 -23.24 12.38 -7.76
N PHE A 222 -22.70 11.60 -6.84
CA PHE A 222 -22.53 10.18 -7.09
C PHE A 222 -23.66 9.39 -6.43
N THR A 223 -23.90 8.20 -6.93
CA THR A 223 -24.78 7.25 -6.28
C THR A 223 -24.02 6.00 -5.89
N VAL A 224 -24.45 5.35 -4.83
CA VAL A 224 -23.91 4.09 -4.40
C VAL A 224 -25.04 3.09 -4.45
N THR A 225 -24.85 2.02 -5.21
CA THR A 225 -25.85 0.94 -5.30
C THR A 225 -25.16 -0.40 -5.03
N GLY A 226 -25.93 -1.37 -4.57
CA GLY A 226 -25.36 -2.67 -4.29
C GLY A 226 -24.29 -2.62 -3.21
N GLY A 227 -24.37 -1.64 -2.31
CA GLY A 227 -23.39 -1.50 -1.24
C GLY A 227 -22.10 -0.78 -1.62
N ASN A 228 -21.59 -0.97 -2.84
CA ASN A 228 -20.25 -0.48 -3.15
C ASN A 228 -20.05 -0.13 -4.60
N HIS A 229 -21.13 -0.04 -5.37
CA HIS A 229 -21.03 0.34 -6.77
C HIS A 229 -21.24 1.83 -6.91
N ILE A 230 -20.26 2.52 -7.50
CA ILE A 230 -20.29 3.97 -7.63
CA ILE A 230 -20.29 3.98 -7.63
C ILE A 230 -20.59 4.37 -9.07
N GLU A 231 -21.50 5.33 -9.25
CA GLU A 231 -21.69 6.00 -10.53
C GLU A 231 -21.50 7.49 -10.26
N TRP A 232 -20.55 8.11 -10.97
CA TRP A 232 -20.26 9.53 -10.77
C TRP A 232 -19.69 10.13 -12.04
N GLU A 233 -20.40 11.09 -12.62
CA GLU A 233 -19.85 11.90 -13.71
C GLU A 233 -19.19 11.06 -14.80
N LYS A 234 -19.94 10.08 -15.25
CA LYS A 234 -19.61 9.14 -16.32
C LYS A 234 -18.76 7.97 -15.86
N TRP A 235 -18.15 8.06 -14.69
CA TRP A 235 -17.37 6.94 -14.16
C TRP A 235 -18.29 5.90 -13.52
N SER A 236 -17.86 4.64 -13.62
CA SER A 236 -18.51 3.49 -13.00
C SER A 236 -17.38 2.64 -12.36
N LEU A 237 -17.57 2.14 -11.15
CA LEU A 237 -16.57 1.28 -10.50
C LEU A 237 -17.20 0.63 -9.27
N ASP A 238 -16.49 -0.35 -8.72
CA ASP A 238 -16.86 -0.99 -7.47
C ASP A 238 -15.72 -0.81 -6.46
N VAL A 239 -16.08 -0.44 -5.24
CA VAL A 239 -15.08 -0.22 -4.18
C VAL A 239 -14.98 -1.45 -3.31
N GLY A 240 -13.89 -2.18 -3.44
CA GLY A 240 -13.61 -3.33 -2.61
C GLY A 240 -12.76 -2.97 -1.41
N PHE A 241 -12.66 -3.92 -0.48
CA PHE A 241 -11.82 -3.75 0.67
C PHE A 241 -11.29 -5.10 1.10
N ASP A 242 -9.98 -5.21 1.21
CA ASP A 242 -9.29 -6.43 1.59
C ASP A 242 -8.43 -6.15 2.80
N VAL A 243 -8.40 -7.09 3.73
CA VAL A 243 -7.66 -6.85 4.96
C VAL A 243 -6.16 -6.59 4.71
N ARG A 244 -5.58 -7.20 3.68
CA ARG A 244 -4.19 -6.98 3.34
C ARG A 244 -3.98 -5.66 2.60
N GLU A 245 -4.68 -5.47 1.49
CA GLU A 245 -4.41 -4.34 0.59
C GLU A 245 -5.12 -3.05 1.00
N GLY A 246 -6.21 -3.16 1.73
CA GLY A 246 -7.07 -2.01 2.02
C GLY A 246 -8.08 -1.82 0.90
N VAL A 247 -8.38 -0.56 0.60
CA VAL A 247 -9.31 -0.25 -0.48
C VAL A 247 -8.74 -0.69 -1.81
N VAL A 248 -9.56 -1.41 -2.56
N VAL A 248 -9.56 -1.39 -2.59
CA VAL A 248 -9.27 -1.90 -3.91
CA VAL A 248 -9.18 -1.75 -3.95
C VAL A 248 -10.32 -1.30 -4.83
C VAL A 248 -10.30 -1.47 -4.91
N LEU A 249 -9.97 -0.92 -6.06
CA LEU A 249 -10.98 -0.48 -7.02
C LEU A 249 -11.13 -1.52 -8.10
N HIS A 250 -12.38 -1.88 -8.41
CA HIS A 250 -12.68 -2.85 -9.45
C HIS A 250 -13.46 -2.20 -10.58
N ASN A 251 -13.24 -2.68 -11.79
CA ASN A 251 -14.11 -2.36 -12.91
C ASN A 251 -14.21 -0.87 -13.16
N ILE A 252 -13.06 -0.17 -13.12
CA ILE A 252 -13.07 1.24 -13.43
C ILE A 252 -13.37 1.41 -14.91
N ALA A 253 -14.44 2.12 -15.22
CA ALA A 253 -14.93 2.28 -16.59
C ALA A 253 -15.54 3.66 -16.75
N PHE A 254 -15.68 4.10 -18.00
CA PHE A 254 -16.14 5.45 -18.29
C PHE A 254 -17.22 5.33 -19.37
N ARG A 255 -18.34 5.98 -19.13
CA ARG A 255 -19.46 5.93 -20.06
CA ARG A 255 -19.49 5.95 -20.03
CA ARG A 255 -19.46 5.93 -20.07
C ARG A 255 -19.34 7.05 -21.07
N ASP A 256 -18.88 6.70 -22.25
CA ASP A 256 -18.62 7.63 -23.33
C ASP A 256 -19.78 7.52 -24.27
N GLY A 257 -20.68 8.51 -24.21
CA GLY A 257 -21.92 8.40 -24.96
C GLY A 257 -22.75 7.24 -24.43
N ASP A 258 -23.11 6.31 -25.31
CA ASP A 258 -23.90 5.15 -24.88
C ASP A 258 -23.06 3.87 -24.69
N ARG A 259 -21.74 4.00 -24.55
CA ARG A 259 -20.88 2.83 -24.38
CA ARG A 259 -20.89 2.83 -24.37
C ARG A 259 -20.14 2.91 -23.06
N LEU A 260 -20.25 1.87 -22.26
CA LEU A 260 -19.45 1.73 -21.05
C LEU A 260 -18.09 1.16 -21.43
N ARG A 261 -17.04 1.98 -21.31
CA ARG A 261 -15.74 1.59 -21.78
C ARG A 261 -14.83 1.27 -20.60
N PRO A 262 -14.37 0.01 -20.50
CA PRO A 262 -13.44 -0.35 -19.42
C PRO A 262 -12.13 0.41 -19.55
N ILE A 263 -11.51 0.66 -18.41
CA ILE A 263 -10.17 1.27 -18.35
C ILE A 263 -9.22 0.41 -17.49
N ILE A 264 -9.59 0.19 -16.23
CA ILE A 264 -8.75 -0.62 -15.33
C ILE A 264 -9.64 -1.68 -14.68
N ASN A 265 -9.25 -2.94 -14.80
CA ASN A 265 -10.02 -4.00 -14.19
C ASN A 265 -9.89 -4.06 -12.67
N ARG A 266 -8.67 -3.86 -12.15
CA ARG A 266 -8.45 -3.86 -10.71
C ARG A 266 -7.26 -2.95 -10.41
N ALA A 267 -7.42 -2.06 -9.44
CA ALA A 267 -6.34 -1.17 -8.99
C ALA A 267 -6.19 -1.36 -7.48
N SER A 268 -4.95 -1.57 -7.05
CA SER A 268 -4.66 -1.70 -5.63
C SER A 268 -3.22 -1.30 -5.35
N ILE A 269 -2.96 -1.07 -4.06
CA ILE A 269 -1.60 -1.03 -3.56
C ILE A 269 -1.30 -2.42 -3.04
N ALA A 270 -0.54 -3.17 -3.83
CA ALA A 270 -0.35 -4.58 -3.58
C ALA A 270 0.82 -4.87 -2.64
N GLU A 271 1.66 -3.87 -2.35
CA GLU A 271 2.72 -3.98 -1.34
C GLU A 271 3.14 -2.57 -0.94
N MET A 272 3.65 -2.44 0.27
N MET A 272 3.65 -2.40 0.29
CA MET A 272 4.27 -1.23 0.73
CA MET A 272 4.18 -1.11 0.78
C MET A 272 5.30 -1.66 1.76
C MET A 272 5.22 -1.44 1.88
N VAL A 273 6.50 -1.11 1.63
CA VAL A 273 7.59 -1.49 2.51
C VAL A 273 8.39 -0.26 2.93
N VAL A 274 8.89 -0.34 4.15
CA VAL A 274 9.66 0.74 4.75
C VAL A 274 11.04 0.17 5.12
N PRO A 275 12.00 0.25 4.19
CA PRO A 275 13.37 -0.17 4.46
C PRO A 275 14.16 0.92 5.17
N TYR A 276 14.93 0.52 6.18
CA TYR A 276 15.76 1.46 6.93
C TYR A 276 17.22 1.39 6.51
N GLY A 277 17.84 2.56 6.52
CA GLY A 277 19.19 2.77 6.02
C GLY A 277 20.28 3.01 7.05
N ASP A 278 20.04 2.59 8.29
CA ASP A 278 20.98 2.72 9.41
C ASP A 278 21.73 1.39 9.54
N PRO A 279 23.06 1.39 9.37
CA PRO A 279 23.80 0.13 9.46
C PRO A 279 24.07 -0.34 10.88
N SER A 280 23.63 0.39 11.90
CA SER A 280 23.74 -0.13 13.26
C SER A 280 23.09 -1.52 13.32
N PRO A 281 23.75 -2.50 13.96
CA PRO A 281 23.11 -3.81 14.12
C PRO A 281 21.82 -3.76 14.94
N ILE A 282 21.58 -2.66 15.66
CA ILE A 282 20.34 -2.53 16.40
C ILE A 282 19.14 -2.42 15.47
N ARG A 283 19.35 -1.86 14.27
CA ARG A 283 18.24 -1.59 13.32
C ARG A 283 18.49 -2.06 11.89
N SER A 284 19.66 -2.63 11.59
CA SER A 284 19.99 -2.87 10.17
C SER A 284 19.18 -3.98 9.51
N TRP A 285 18.48 -4.75 10.32
CA TRP A 285 17.55 -5.79 9.88
C TRP A 285 16.15 -5.24 9.59
N GLN A 286 15.86 -3.97 9.88
CA GLN A 286 14.48 -3.55 9.87
C GLN A 286 13.97 -3.09 8.49
N ASN A 287 12.91 -3.78 8.07
CA ASN A 287 12.21 -3.48 6.83
C ASN A 287 10.76 -3.84 7.07
N TYR A 288 9.89 -2.86 7.22
CA TYR A 288 8.53 -3.19 7.58
C TYR A 288 7.66 -3.26 6.34
N PHE A 289 7.21 -4.47 5.97
CA PHE A 289 6.25 -4.61 4.87
C PHE A 289 4.88 -4.36 5.44
N ASP A 290 4.50 -3.09 5.51
CA ASP A 290 3.25 -2.69 6.15
C ASP A 290 2.08 -3.48 5.54
N THR A 291 2.07 -3.63 4.22
CA THR A 291 1.02 -4.37 3.56
C THR A 291 1.19 -5.89 3.72
N GLY A 292 2.32 -6.44 3.27
CA GLY A 292 2.46 -7.88 3.20
C GLY A 292 2.66 -8.59 4.53
N GLU A 293 3.34 -7.95 5.48
CA GLU A 293 3.58 -8.55 6.78
C GLU A 293 2.50 -8.18 7.80
N TYR A 294 2.06 -6.93 7.81
CA TYR A 294 1.15 -6.44 8.86
C TYR A 294 -0.32 -6.41 8.45
N LEU A 295 -0.61 -6.20 7.16
CA LEU A 295 -1.96 -6.12 6.59
C LEU A 295 -2.58 -4.75 6.86
N VAL A 296 -2.47 -3.83 5.91
CA VAL A 296 -2.88 -2.45 6.18
C VAL A 296 -4.37 -2.27 6.36
N GLY A 297 -5.19 -3.10 5.71
CA GLY A 297 -6.64 -2.98 5.86
C GLY A 297 -7.09 -3.28 7.27
N GLN A 298 -6.41 -4.20 7.92
CA GLN A 298 -6.72 -4.60 9.29
C GLN A 298 -6.68 -3.44 10.27
N TYR A 299 -5.83 -2.47 9.98
CA TYR A 299 -5.58 -1.35 10.90
C TYR A 299 -6.17 -0.04 10.38
N ALA A 300 -7.10 -0.16 9.44
CA ALA A 300 -7.79 1.01 8.95
C ALA A 300 -8.48 1.71 10.11
N ASN A 301 -8.32 3.02 10.15
CA ASN A 301 -8.93 3.83 11.16
C ASN A 301 -10.43 4.03 10.93
N SER A 302 -11.15 4.24 12.02
CA SER A 302 -12.51 4.77 11.92
CA SER A 302 -12.51 4.76 11.99
C SER A 302 -12.44 6.28 11.76
N LEU A 303 -12.96 6.79 10.64
CA LEU A 303 -12.75 8.19 10.24
C LEU A 303 -13.85 9.12 10.74
N GLU A 304 -13.44 10.19 11.44
CA GLU A 304 -14.36 11.09 12.12
C GLU A 304 -14.85 12.21 11.22
N LEU A 305 -16.16 12.29 11.11
CA LEU A 305 -16.78 13.32 10.29
CA LEU A 305 -16.87 13.32 10.36
C LEU A 305 -16.41 14.71 10.78
N GLY A 306 -16.04 15.55 9.82
CA GLY A 306 -15.63 16.92 10.09
C GLY A 306 -14.17 17.02 10.42
N CYS A 307 -13.54 15.87 10.69
CA CYS A 307 -12.14 15.81 11.08
C CYS A 307 -11.28 15.22 10.00
N ASP A 308 -11.52 13.94 9.74
CA ASP A 308 -10.71 13.21 8.78
C ASP A 308 -11.23 13.44 7.36
N CYS A 309 -12.54 13.52 7.20
CA CYS A 309 -13.16 13.72 5.89
C CYS A 309 -14.18 14.84 6.02
N LEU A 310 -13.95 15.93 5.30
CA LEU A 310 -14.71 17.17 5.41
C LEU A 310 -15.63 17.27 4.21
N GLY A 311 -16.87 17.69 4.44
CA GLY A 311 -17.86 17.89 3.39
C GLY A 311 -18.97 16.88 3.48
N ASP A 312 -19.59 16.58 2.36
CA ASP A 312 -20.70 15.63 2.33
C ASP A 312 -20.13 14.24 2.06
N ILE A 313 -20.00 13.45 3.12
CA ILE A 313 -19.27 12.20 3.04
C ILE A 313 -20.22 11.02 3.08
N THR A 314 -20.01 10.05 2.20
CA THR A 314 -20.66 8.77 2.25
C THR A 314 -19.64 7.74 2.69
N TYR A 315 -19.92 7.06 3.78
CA TYR A 315 -18.98 6.12 4.35
C TYR A 315 -19.31 4.70 3.97
N LEU A 316 -18.28 3.87 3.81
CA LEU A 316 -18.44 2.43 3.88
C LEU A 316 -17.81 1.93 5.15
N SER A 317 -18.38 0.87 5.69
CA SER A 317 -17.87 0.26 6.90
C SER A 317 -17.56 -1.19 6.59
N PRO A 318 -16.36 -1.46 6.09
CA PRO A 318 -16.05 -2.80 5.62
C PRO A 318 -15.95 -3.79 6.79
N VAL A 319 -16.17 -5.05 6.48
CA VAL A 319 -16.13 -6.12 7.47
C VAL A 319 -14.94 -7.03 7.17
N ILE A 320 -14.23 -7.40 8.23
CA ILE A 320 -13.10 -8.31 8.16
C ILE A 320 -13.30 -9.40 9.20
N SER A 321 -12.45 -10.41 9.20
CA SER A 321 -12.55 -11.46 10.20
C SER A 321 -11.57 -11.21 11.33
N ASP A 322 -12.00 -11.46 12.57
CA ASP A 322 -11.04 -11.56 13.64
C ASP A 322 -10.28 -12.89 13.61
N ALA A 323 -9.43 -13.13 14.59
CA ALA A 323 -8.59 -14.33 14.56
C ALA A 323 -9.37 -15.62 14.73
N PHE A 324 -10.63 -15.51 15.15
CA PHE A 324 -11.47 -16.70 15.37
C PHE A 324 -12.52 -16.89 14.32
N GLY A 325 -12.56 -16.03 13.30
CA GLY A 325 -13.57 -16.14 12.25
C GLY A 325 -14.84 -15.38 12.54
N ASN A 326 -14.86 -14.55 13.58
CA ASN A 326 -16.02 -13.69 13.83
C ASN A 326 -15.89 -12.39 13.03
N PRO A 327 -16.99 -11.92 12.44
CA PRO A 327 -16.89 -10.68 11.67
C PRO A 327 -16.72 -9.47 12.60
N ARG A 328 -15.93 -8.53 12.13
CA ARG A 328 -15.64 -7.27 12.81
CA ARG A 328 -15.67 -7.28 12.81
C ARG A 328 -15.79 -6.17 11.78
N GLU A 329 -16.60 -5.17 12.09
CA GLU A 329 -16.81 -4.03 11.23
C GLU A 329 -15.76 -2.95 11.54
N ILE A 330 -15.25 -2.31 10.49
CA ILE A 330 -14.48 -1.08 10.65
C ILE A 330 -15.42 0.07 10.36
N ARG A 331 -16.01 0.62 11.42
CA ARG A 331 -17.01 1.65 11.23
C ARG A 331 -16.42 2.89 10.58
N ASN A 332 -17.05 3.37 9.54
CA ASN A 332 -16.59 4.57 8.86
C ASN A 332 -15.11 4.47 8.43
N GLY A 333 -14.76 3.31 7.90
CA GLY A 333 -13.38 3.05 7.48
C GLY A 333 -13.04 3.57 6.09
N ILE A 334 -14.03 3.82 5.25
CA ILE A 334 -13.78 4.32 3.89
C ILE A 334 -14.61 5.56 3.67
N CYS A 335 -13.98 6.65 3.26
CA CYS A 335 -14.67 7.88 2.89
C CYS A 335 -14.82 7.94 1.39
N MET A 336 -16.00 8.38 0.97
CA MET A 336 -16.29 8.67 -0.42
C MET A 336 -16.95 10.02 -0.51
N HIS A 337 -16.43 10.89 -1.36
CA HIS A 337 -16.97 12.23 -1.54
C HIS A 337 -16.41 12.84 -2.80
N GLU A 338 -17.11 13.85 -3.30
CA GLU A 338 -16.58 14.62 -4.43
C GLU A 338 -16.08 15.95 -3.92
N GLU A 339 -15.00 16.44 -4.54
CA GLU A 339 -14.34 17.69 -4.18
C GLU A 339 -14.26 18.62 -5.38
N ASP A 340 -14.45 19.91 -5.14
CA ASP A 340 -14.09 20.90 -6.15
C ASP A 340 -12.60 20.83 -6.46
N TRP A 341 -12.20 20.99 -7.72
CA TRP A 341 -10.79 20.89 -8.06
C TRP A 341 -10.43 22.02 -9.02
N GLY A 342 -10.81 23.25 -8.70
CA GLY A 342 -10.29 24.39 -9.44
C GLY A 342 -10.82 24.44 -10.86
N ILE A 343 -10.03 25.05 -11.74
CA ILE A 343 -10.47 25.25 -13.09
CA ILE A 343 -10.39 25.26 -13.13
C ILE A 343 -10.16 23.99 -13.92
N LEU A 344 -11.16 23.57 -14.70
CA LEU A 344 -11.04 22.45 -15.63
C LEU A 344 -10.49 22.89 -16.98
N ALA A 345 -11.05 23.95 -17.53
CA ALA A 345 -10.67 24.45 -18.86
C ALA A 345 -11.09 25.91 -18.91
N LYS A 346 -10.29 26.73 -19.58
CA LYS A 346 -10.57 28.15 -19.64
C LYS A 346 -9.95 28.75 -20.88
N HIS A 347 -10.69 29.59 -21.59
CA HIS A 347 -10.11 30.34 -22.69
C HIS A 347 -10.93 31.60 -22.93
N SER A 348 -10.24 32.72 -23.10
CA SER A 348 -10.85 33.99 -23.47
C SER A 348 -10.33 34.33 -24.87
N ASP A 349 -11.22 34.28 -25.86
CA ASP A 349 -10.81 34.43 -27.24
C ASP A 349 -11.17 35.80 -27.78
N LEU A 350 -10.15 36.53 -28.18
CA LEU A 350 -10.31 37.86 -28.74
C LEU A 350 -11.04 37.85 -30.07
N TRP A 351 -10.77 36.87 -30.91
CA TRP A 351 -11.37 36.87 -32.23
C TRP A 351 -12.84 36.49 -32.19
N SER A 352 -13.21 35.50 -31.39
CA SER A 352 -14.60 35.08 -31.33
C SER A 352 -15.40 35.87 -30.32
N GLY A 353 -14.73 36.54 -29.39
CA GLY A 353 -15.37 37.23 -28.29
C GLY A 353 -15.94 36.33 -27.20
N ILE A 354 -15.69 35.03 -27.29
CA ILE A 354 -16.24 34.11 -26.31
C ILE A 354 -15.27 33.95 -25.17
N ASN A 355 -15.75 34.11 -23.95
CA ASN A 355 -15.01 33.82 -22.73
C ASN A 355 -15.64 32.63 -22.03
N TYR A 356 -14.83 31.63 -21.78
CA TYR A 356 -15.27 30.31 -21.35
C TYR A 356 -14.45 29.86 -20.17
N THR A 357 -15.16 29.45 -19.11
CA THR A 357 -14.51 28.86 -17.94
CA THR A 357 -14.50 28.83 -17.96
C THR A 357 -15.37 27.70 -17.44
N ARG A 358 -14.73 26.60 -17.07
CA ARG A 358 -15.42 25.48 -16.44
C ARG A 358 -14.61 25.01 -15.25
N ARG A 359 -15.30 24.49 -14.23
CA ARG A 359 -14.62 23.99 -13.05
C ARG A 359 -14.50 22.49 -13.08
N ASN A 360 -13.42 22.02 -12.46
CA ASN A 360 -13.13 20.61 -12.33
C ASN A 360 -13.64 20.11 -10.98
N ARG A 361 -13.73 18.79 -10.91
N ARG A 361 -13.82 18.81 -10.87
CA ARG A 361 -14.14 18.04 -9.73
CA ARG A 361 -14.07 18.18 -9.59
C ARG A 361 -13.40 16.73 -9.71
C ARG A 361 -13.50 16.75 -9.67
N ARG A 362 -13.30 16.15 -8.52
CA ARG A 362 -12.80 14.78 -8.42
C ARG A 362 -13.61 14.00 -7.41
N MET A 363 -13.79 12.74 -7.70
CA MET A 363 -14.29 11.85 -6.68
CA MET A 363 -14.33 11.75 -6.77
C MET A 363 -13.14 11.21 -5.96
N VAL A 364 -13.31 11.13 -4.65
CA VAL A 364 -12.29 10.67 -3.72
C VAL A 364 -12.76 9.42 -3.04
N ILE A 365 -11.93 8.38 -3.01
CA ILE A 365 -12.18 7.16 -2.26
CA ILE A 365 -12.19 7.18 -2.24
C ILE A 365 -10.95 6.92 -1.42
N SER A 366 -11.09 6.98 -0.08
CA SER A 366 -9.92 6.97 0.78
CA SER A 366 -9.92 6.97 0.78
C SER A 366 -10.09 6.18 2.05
N PHE A 367 -8.96 5.79 2.62
CA PHE A 367 -8.91 5.24 3.98
C PHE A 367 -7.59 5.66 4.60
N PHE A 368 -7.49 5.50 5.91
CA PHE A 368 -6.29 5.84 6.66
C PHE A 368 -5.95 4.61 7.52
N THR A 369 -4.68 4.28 7.62
CA THR A 369 -4.27 3.14 8.41
C THR A 369 -3.15 3.56 9.36
N THR A 370 -2.98 2.78 10.42
CA THR A 370 -1.90 3.00 11.37
C THR A 370 -1.13 1.71 11.56
N ILE A 371 0.19 1.76 11.34
CA ILE A 371 1.06 0.63 11.54
CA ILE A 371 1.06 0.61 11.53
C ILE A 371 2.15 1.11 12.48
N GLY A 372 2.01 0.80 13.76
CA GLY A 372 3.01 1.20 14.72
C GLY A 372 3.07 2.71 14.84
N ASN A 373 4.24 3.27 14.53
CA ASN A 373 4.43 4.71 14.52
C ASN A 373 3.86 5.39 13.25
N TPQ A 374 3.70 4.68 12.13
CA TPQ A 374 3.29 5.28 10.86
CB TPQ A 374 3.68 4.54 9.49
C TPQ A 374 1.81 5.40 10.80
O TPQ A 374 1.07 4.50 11.26
C1 TPQ A 374 5.03 3.90 9.49
C2 TPQ A 374 6.22 4.74 9.53
O2 TPQ A 374 6.16 5.99 9.57
C3 TPQ A 374 7.52 4.09 9.53
C4 TPQ A 374 7.62 2.64 9.49
O4 TPQ A 374 8.80 2.05 9.49
C5 TPQ A 374 6.44 1.79 9.43
O5 TPQ A 374 6.55 0.54 9.38
C6 TPQ A 374 5.13 2.44 9.43
H TPQ A 374 3.82 3.78 12.05
HA TPQ A 374 3.65 6.17 10.85
HB2 TPQ A 374 3.65 5.19 8.78
HB3 TPQ A 374 3.02 3.85 9.33
H3 TPQ A 374 8.34 4.62 9.57
H6 TPQ A 374 4.33 1.91 9.40
N ASP A 375 1.35 6.44 10.11
CA ASP A 375 -0.05 6.54 9.71
C ASP A 375 -0.06 6.97 8.26
N TYR A 376 -0.85 6.27 7.45
CA TYR A 376 -0.90 6.56 6.02
C TYR A 376 -2.30 6.71 5.53
N GLY A 377 -2.53 7.74 4.72
CA GLY A 377 -3.78 7.89 4.00
C GLY A 377 -3.57 7.44 2.57
N PHE A 378 -4.49 6.60 2.09
CA PHE A 378 -4.47 6.10 0.72
CA PHE A 378 -4.48 6.08 0.73
C PHE A 378 -5.67 6.71 0.00
N TYR A 379 -5.41 7.48 -1.04
CA TYR A 379 -6.44 8.23 -1.75
C TYR A 379 -6.42 7.86 -3.22
N TRP A 380 -7.58 7.47 -3.74
CA TRP A 380 -7.81 7.35 -5.18
C TRP A 380 -8.71 8.48 -5.62
N TYR A 381 -8.37 9.08 -6.75
CA TYR A 381 -9.09 10.19 -7.33
C TYR A 381 -9.48 9.88 -8.78
N LEU A 382 -10.73 10.21 -9.11
CA LEU A 382 -11.23 10.18 -10.49
C LEU A 382 -11.62 11.61 -10.87
N TYR A 383 -11.08 12.12 -11.98
CA TYR A 383 -11.35 13.49 -12.39
C TYR A 383 -12.35 13.52 -13.54
N LEU A 384 -13.00 14.67 -13.74
CA LEU A 384 -13.96 14.79 -14.83
C LEU A 384 -13.37 14.45 -16.20
N ASP A 385 -12.12 14.83 -16.42
CA ASP A 385 -11.47 14.68 -17.72
CA ASP A 385 -11.52 14.66 -17.74
C ASP A 385 -10.99 13.27 -18.04
N GLY A 386 -11.21 12.31 -17.14
CA GLY A 386 -10.76 10.96 -17.38
C GLY A 386 -9.45 10.60 -16.66
N THR A 387 -8.81 11.55 -15.99
CA THR A 387 -7.60 11.24 -15.23
C THR A 387 -7.94 10.41 -14.01
N ILE A 388 -7.06 9.45 -13.72
CA ILE A 388 -7.09 8.61 -12.53
CA ILE A 388 -7.13 8.71 -12.47
C ILE A 388 -5.81 8.87 -11.76
N GLU A 389 -5.90 9.08 -10.44
CA GLU A 389 -4.70 9.37 -9.66
C GLU A 389 -4.73 8.61 -8.35
N PHE A 390 -3.56 8.19 -7.86
CA PHE A 390 -3.39 7.72 -6.51
C PHE A 390 -2.44 8.64 -5.77
N GLU A 391 -2.76 8.89 -4.50
CA GLU A 391 -1.88 9.64 -3.62
C GLU A 391 -1.81 8.95 -2.26
N ALA A 392 -0.60 8.76 -1.76
CA ALA A 392 -0.37 8.36 -0.39
C ALA A 392 0.06 9.58 0.41
N LYS A 393 -0.49 9.71 1.62
CA LYS A 393 -0.16 10.76 2.58
C LYS A 393 0.47 10.09 3.80
N ALA A 394 1.77 10.34 4.00
CA ALA A 394 2.52 9.73 5.07
C ALA A 394 2.64 10.69 6.24
N THR A 395 2.23 10.22 7.42
CA THR A 395 2.34 10.99 8.65
C THR A 395 2.57 10.01 9.79
N GLY A 396 2.21 10.40 11.01
CA GLY A 396 2.54 9.65 12.20
C GLY A 396 3.70 10.26 12.96
N VAL A 397 4.39 9.40 13.70
CA VAL A 397 5.56 9.79 14.48
C VAL A 397 6.75 9.08 13.85
N VAL A 398 7.86 9.74 13.69
CA VAL A 398 8.97 9.06 13.05
CA VAL A 398 9.08 9.19 13.13
C VAL A 398 9.59 8.02 13.99
N PHE A 399 10.12 6.96 13.37
CA PHE A 399 10.77 5.90 14.13
C PHE A 399 12.12 6.46 14.61
N THR A 400 12.38 6.37 15.91
CA THR A 400 13.53 7.06 16.50
C THR A 400 14.62 6.11 16.97
N SER A 401 15.77 6.73 17.24
CA SER A 401 16.97 6.08 17.77
C SER A 401 17.69 7.12 18.62
N ALA A 402 18.83 6.75 19.19
CA ALA A 402 19.72 7.79 19.70
C ALA A 402 20.35 8.55 18.52
N PHE A 403 20.71 9.81 18.75
CA PHE A 403 21.55 10.54 17.80
C PHE A 403 22.99 10.38 18.29
N PRO A 404 23.86 9.73 17.50
CA PRO A 404 25.23 9.49 17.96
C PRO A 404 25.98 10.78 18.24
N GLU A 405 26.77 10.78 19.30
CA GLU A 405 27.43 12.00 19.74
C GLU A 405 28.35 12.55 18.66
N GLY A 406 28.98 11.70 17.87
CA GLY A 406 29.78 12.22 16.75
C GLY A 406 29.06 12.60 15.44
N GLY A 407 27.73 12.64 15.44
CA GLY A 407 26.97 12.80 14.20
C GLY A 407 26.79 11.47 13.49
N SER A 408 26.16 11.49 12.33
CA SER A 408 25.88 10.26 11.64
C SER A 408 25.61 10.50 10.17
N ASP A 409 26.10 9.58 9.35
CA ASP A 409 25.78 9.54 7.92
C ASP A 409 24.44 8.88 7.64
N ASN A 410 23.78 8.31 8.65
CA ASN A 410 22.59 7.47 8.41
C ASN A 410 21.39 7.76 9.31
N ILE A 411 21.49 8.81 10.12
CA ILE A 411 20.52 9.19 11.13
C ILE A 411 20.54 10.71 11.19
N SER A 412 19.37 11.35 11.32
N SER A 412 19.34 11.31 11.27
CA SER A 412 19.34 12.79 11.51
CA SER A 412 19.13 12.76 11.49
C SER A 412 18.85 13.13 12.91
C SER A 412 18.95 13.07 12.97
N GLN A 413 19.22 14.32 13.36
CA GLN A 413 18.92 14.75 14.72
C GLN A 413 17.56 15.46 14.77
N LEU A 414 16.73 15.11 15.76
CA LEU A 414 15.39 15.66 15.93
C LEU A 414 15.23 16.54 17.15
N ALA A 415 16.00 16.21 18.21
CA ALA A 415 15.91 16.85 19.52
C ALA A 415 17.19 16.41 20.23
N PRO A 416 17.50 17.02 21.39
CA PRO A 416 18.77 16.67 22.03
C PRO A 416 18.90 15.17 22.34
N GLY A 417 19.91 14.55 21.75
CA GLY A 417 20.16 13.13 21.88
C GLY A 417 19.25 12.20 21.06
N LEU A 418 18.26 12.76 20.36
CA LEU A 418 17.21 12.00 19.67
C LEU A 418 17.48 11.99 18.16
N GLY A 419 17.56 10.79 17.60
CA GLY A 419 17.80 10.60 16.17
C GLY A 419 16.63 9.95 15.47
N ALA A 420 16.69 10.03 14.14
CA ALA A 420 15.74 9.40 13.25
C ALA A 420 16.51 8.70 12.14
N PRO A 421 16.55 7.36 12.13
CA PRO A 421 17.28 6.69 11.04
CA PRO A 421 17.23 6.62 11.07
C PRO A 421 16.62 6.92 9.68
N PHE A 422 17.46 7.06 8.67
CA PHE A 422 16.98 7.27 7.32
C PHE A 422 16.20 6.05 6.84
N HIS A 423 15.22 6.26 5.98
CA HIS A 423 14.40 5.15 5.47
C HIS A 423 13.67 5.60 4.23
N GLN A 424 13.03 4.65 3.57
CA GLN A 424 12.16 4.93 2.43
C GLN A 424 10.78 4.34 2.74
N HIS A 425 9.75 4.85 2.08
CA HIS A 425 8.43 4.23 2.07
C HIS A 425 8.11 3.94 0.60
N ILE A 426 8.10 2.67 0.21
CA ILE A 426 8.02 2.29 -1.20
C ILE A 426 6.78 1.44 -1.43
N PHE A 427 5.95 1.90 -2.35
CA PHE A 427 4.65 1.33 -2.70
C PHE A 427 4.76 0.59 -4.03
N SER A 428 3.90 -0.42 -4.21
CA SER A 428 3.68 -1.03 -5.52
C SER A 428 2.20 -0.96 -5.84
N ALA A 429 1.85 -0.24 -6.91
CA ALA A 429 0.47 -0.24 -7.40
C ALA A 429 0.35 -1.32 -8.46
N ARG A 430 -0.59 -2.24 -8.24
CA ARG A 430 -0.91 -3.30 -9.18
C ARG A 430 -2.13 -2.87 -9.97
N LEU A 431 -1.93 -2.62 -11.26
CA LEU A 431 -2.98 -2.12 -12.13
C LEU A 431 -3.27 -3.18 -13.18
N ASP A 432 -4.29 -3.99 -12.94
CA ASP A 432 -4.72 -5.00 -13.91
C ASP A 432 -5.51 -4.24 -14.96
N MET A 433 -4.88 -4.03 -16.10
CA MET A 433 -5.39 -3.07 -17.09
C MET A 433 -6.51 -3.67 -17.90
N ALA A 434 -7.41 -2.81 -18.38
CA ALA A 434 -8.44 -3.24 -19.33
C ALA A 434 -8.83 -2.08 -20.23
N ILE A 435 -7.85 -1.50 -20.92
CA ILE A 435 -8.11 -0.34 -21.78
C ILE A 435 -9.05 -0.77 -22.92
N ASP A 436 -10.29 -0.33 -22.87
CA ASP A 436 -11.33 -0.73 -23.83
C ASP A 436 -11.48 -2.25 -23.93
N GLY A 437 -11.17 -2.95 -22.84
CA GLY A 437 -11.19 -4.40 -22.86
C GLY A 437 -9.82 -4.95 -22.51
N PHE A 438 -9.69 -6.27 -22.59
CA PHE A 438 -8.52 -6.91 -22.07
C PHE A 438 -7.32 -7.02 -23.02
N THR A 439 -7.50 -6.74 -24.31
N THR A 439 -7.49 -6.84 -24.32
CA THR A 439 -6.39 -6.85 -25.25
CA THR A 439 -6.33 -6.92 -25.21
C THR A 439 -5.52 -5.60 -25.23
C THR A 439 -5.58 -5.60 -25.13
N ASN A 440 -4.46 -5.62 -24.41
CA ASN A 440 -3.69 -4.43 -24.15
C ASN A 440 -2.20 -4.64 -24.40
N ARG A 441 -1.48 -3.53 -24.53
N ARG A 441 -1.48 -3.54 -24.55
CA ARG A 441 -0.04 -3.57 -24.58
CA ARG A 441 -0.03 -3.55 -24.66
C ARG A 441 0.54 -2.26 -24.07
C ARG A 441 0.50 -2.32 -23.92
N VAL A 442 1.79 -2.35 -23.63
CA VAL A 442 2.47 -1.21 -23.02
C VAL A 442 3.61 -0.77 -23.95
N GLU A 443 3.71 0.56 -24.13
CA GLU A 443 4.84 1.19 -24.81
C GLU A 443 5.53 2.11 -23.83
N GLU A 444 6.85 2.12 -23.87
CA GLU A 444 7.64 3.13 -23.19
C GLU A 444 7.83 4.31 -24.12
N GLU A 445 7.43 5.49 -23.67
CA GLU A 445 7.57 6.71 -24.49
C GLU A 445 8.62 7.63 -23.92
N ASP A 446 9.62 7.96 -24.74
CA ASP A 446 10.65 8.95 -24.40
C ASP A 446 10.56 10.12 -25.35
N VAL A 447 10.88 11.31 -24.84
CA VAL A 447 11.14 12.46 -25.67
CA VAL A 447 11.12 12.44 -25.74
C VAL A 447 12.39 12.14 -26.50
N VAL A 448 12.47 12.67 -27.72
CA VAL A 448 13.61 12.49 -28.60
C VAL A 448 14.16 13.84 -29.00
N ARG A 449 15.39 14.11 -28.58
CA ARG A 449 16.10 15.29 -29.03
CA ARG A 449 16.08 15.30 -29.03
C ARG A 449 16.64 15.07 -30.43
N GLN A 450 16.67 16.13 -31.22
CA GLN A 450 17.11 16.08 -32.60
C GLN A 450 18.28 17.03 -32.81
N THR A 451 19.21 16.64 -33.66
CA THR A 451 20.38 17.44 -33.96
C THR A 451 20.08 18.47 -35.04
N MET A 452 20.59 19.69 -34.85
N MET A 452 20.57 19.68 -34.85
CA MET A 452 20.54 20.75 -35.86
CA MET A 452 20.44 20.67 -35.89
C MET A 452 21.30 20.34 -37.13
C MET A 452 21.20 20.17 -37.11
N GLY A 453 20.63 20.43 -38.28
CA GLY A 453 21.22 19.99 -39.53
C GLY A 453 20.11 19.84 -40.56
N PRO A 454 20.39 19.11 -41.65
CA PRO A 454 19.37 18.93 -42.70
C PRO A 454 18.05 18.41 -42.14
N GLY A 455 16.94 19.03 -42.54
CA GLY A 455 15.62 18.68 -42.03
C GLY A 455 15.30 19.37 -40.71
N ASN A 456 16.23 20.13 -40.19
CA ASN A 456 16.08 20.78 -38.87
C ASN A 456 17.11 21.91 -38.78
N GLU A 457 17.14 22.77 -39.79
CA GLU A 457 18.24 23.72 -39.90
C GLU A 457 18.27 24.76 -38.79
N ARG A 458 17.12 25.02 -38.16
CA ARG A 458 17.08 25.97 -37.04
C ARG A 458 17.29 25.27 -35.71
N GLY A 459 17.40 23.95 -35.70
CA GLY A 459 17.72 23.27 -34.45
C GLY A 459 16.64 23.35 -33.40
N ASN A 460 15.40 23.42 -33.84
CA ASN A 460 14.28 23.52 -32.91
C ASN A 460 13.49 22.23 -32.75
N ALA A 461 13.62 21.32 -33.69
CA ALA A 461 12.76 20.14 -33.70
C ALA A 461 12.97 19.27 -32.47
N PHE A 462 11.90 18.67 -31.99
CA PHE A 462 12.02 17.54 -31.05
C PHE A 462 10.84 16.62 -31.30
N SER A 463 10.97 15.39 -30.83
CA SER A 463 10.03 14.34 -31.18
C SER A 463 9.79 13.43 -29.97
N ARG A 464 9.23 12.27 -30.27
CA ARG A 464 8.86 11.25 -29.29
C ARG A 464 9.13 9.89 -29.93
N LYS A 465 9.40 8.88 -29.11
CA LYS A 465 9.51 7.51 -29.59
C LYS A 465 8.76 6.62 -28.63
N ARG A 466 8.14 5.59 -29.18
CA ARG A 466 7.40 4.61 -28.39
C ARG A 466 7.93 3.24 -28.69
N THR A 467 8.28 2.50 -27.65
CA THR A 467 8.82 1.14 -27.82
C THR A 467 7.86 0.16 -27.16
N VAL A 468 7.33 -0.77 -27.96
CA VAL A 468 6.43 -1.77 -27.40
C VAL A 468 7.20 -2.75 -26.54
N LEU A 469 6.68 -3.05 -25.36
CA LEU A 469 7.23 -4.11 -24.53
C LEU A 469 6.52 -5.40 -24.93
N THR A 470 7.20 -6.31 -25.61
CA THR A 470 6.49 -7.41 -26.26
C THR A 470 6.40 -8.69 -25.43
N ARG A 471 7.34 -8.87 -24.51
CA ARG A 471 7.39 -10.07 -23.67
CA ARG A 471 7.41 -10.07 -23.68
C ARG A 471 7.87 -9.66 -22.29
N GLU A 472 7.56 -10.48 -21.28
CA GLU A 472 7.86 -10.08 -19.91
C GLU A 472 9.33 -9.85 -19.69
N SER A 473 10.20 -10.58 -20.39
CA SER A 473 11.64 -10.39 -20.23
C SER A 473 12.12 -8.98 -20.60
N GLU A 474 11.31 -8.26 -21.37
CA GLU A 474 11.60 -6.89 -21.82
C GLU A 474 10.90 -5.86 -21.00
N ALA A 475 10.13 -6.28 -20.00
CA ALA A 475 9.16 -5.36 -19.42
C ALA A 475 9.49 -4.97 -17.98
N VAL A 476 10.76 -4.91 -17.64
CA VAL A 476 11.20 -4.43 -16.33
C VAL A 476 11.93 -3.14 -16.63
N ARG A 477 11.31 -2.01 -16.32
CA ARG A 477 11.76 -0.73 -16.81
CA ARG A 477 11.73 -0.71 -16.81
C ARG A 477 12.09 0.23 -15.69
N GLU A 478 12.97 1.17 -15.97
CA GLU A 478 13.33 2.21 -15.02
C GLU A 478 12.92 3.58 -15.54
N ALA A 479 12.81 4.50 -14.60
CA ALA A 479 12.49 5.89 -14.90
C ALA A 479 13.59 6.55 -15.70
N ASP A 480 13.20 7.58 -16.46
CA ASP A 480 14.17 8.49 -17.03
C ASP A 480 13.53 9.86 -17.11
N ALA A 481 13.59 10.57 -15.99
CA ALA A 481 12.91 11.85 -15.88
C ALA A 481 13.45 12.84 -16.90
N ARG A 482 14.77 12.79 -17.15
CA ARG A 482 15.41 13.75 -18.06
C ARG A 482 14.83 13.69 -19.47
N THR A 483 14.39 12.49 -19.85
CA THR A 483 13.78 12.30 -21.18
CA THR A 483 13.86 12.22 -21.16
C THR A 483 12.31 12.14 -21.13
N GLY A 484 11.70 12.60 -20.04
CA GLY A 484 10.25 12.63 -19.94
C GLY A 484 9.58 11.28 -20.10
N ARG A 485 10.24 10.23 -19.63
CA ARG A 485 9.76 8.89 -19.89
C ARG A 485 8.42 8.63 -19.21
N THR A 486 7.48 8.09 -19.98
CA THR A 486 6.19 7.61 -19.49
C THR A 486 5.90 6.26 -20.13
N TRP A 487 4.80 5.65 -19.71
CA TRP A 487 4.41 4.36 -20.27
C TRP A 487 2.95 4.47 -20.66
N ILE A 488 2.64 4.04 -21.88
CA ILE A 488 1.29 4.12 -22.44
C ILE A 488 0.72 2.72 -22.51
N ILE A 489 -0.46 2.52 -21.94
CA ILE A 489 -1.19 1.27 -22.07
C ILE A 489 -2.26 1.51 -23.12
N SER A 490 -2.22 0.72 -24.20
CA SER A 490 -3.15 0.90 -25.28
C SER A 490 -3.84 -0.41 -25.62
N ASN A 491 -4.91 -0.28 -26.43
CA ASN A 491 -5.58 -1.45 -27.00
C ASN A 491 -5.34 -1.44 -28.49
N PRO A 492 -4.48 -2.34 -28.98
CA PRO A 492 -4.13 -2.27 -30.40
C PRO A 492 -5.28 -2.60 -31.34
N GLU A 493 -6.37 -3.14 -30.81
CA GLU A 493 -7.52 -3.53 -31.60
C GLU A 493 -8.69 -2.55 -31.45
N SER A 494 -8.49 -1.46 -30.73
CA SER A 494 -9.53 -0.48 -30.57
C SER A 494 -8.99 0.89 -30.92
N LYS A 495 -9.47 1.44 -32.05
CA LYS A 495 -8.98 2.71 -32.55
C LYS A 495 -9.97 3.83 -32.31
N ASN A 496 -9.45 5.03 -32.05
CA ASN A 496 -10.29 6.21 -31.99
C ASN A 496 -10.63 6.65 -33.41
N ARG A 497 -11.36 7.75 -33.54
CA ARG A 497 -11.87 8.15 -34.84
C ARG A 497 -10.77 8.62 -35.77
N LEU A 498 -9.58 8.86 -35.23
CA LEU A 498 -8.44 9.26 -36.03
C LEU A 498 -7.57 8.08 -36.42
N ASN A 499 -8.08 6.86 -36.19
CA ASN A 499 -7.38 5.63 -36.55
C ASN A 499 -6.11 5.40 -35.74
N GLU A 500 -6.06 5.91 -34.52
CA GLU A 500 -4.95 5.68 -33.59
C GLU A 500 -5.47 4.78 -32.44
N PRO A 501 -4.65 3.84 -31.94
CA PRO A 501 -5.09 3.00 -30.80
C PRO A 501 -5.39 3.83 -29.58
N VAL A 502 -6.49 3.49 -28.94
CA VAL A 502 -6.85 4.16 -27.70
C VAL A 502 -5.87 3.82 -26.59
N GLY A 503 -5.59 4.77 -25.70
CA GLY A 503 -4.59 4.54 -24.68
C GLY A 503 -4.76 5.43 -23.48
N TYR A 504 -4.00 5.07 -22.43
CA TYR A 504 -3.83 5.86 -21.22
C TYR A 504 -2.35 5.93 -20.93
N LYS A 505 -1.88 7.08 -20.45
CA LYS A 505 -0.46 7.31 -20.18
C LYS A 505 -0.23 7.41 -18.68
N LEU A 506 0.69 6.59 -18.18
CA LEU A 506 1.09 6.62 -16.78
CA LEU A 506 1.12 6.60 -16.79
C LEU A 506 2.23 7.63 -16.59
N HIS A 507 1.94 8.60 -15.73
CA HIS A 507 2.87 9.65 -15.33
C HIS A 507 3.35 9.38 -13.91
N ALA A 508 4.60 9.00 -13.80
CA ALA A 508 5.25 8.73 -12.52
C ALA A 508 5.86 10.00 -11.95
N HIS A 509 6.13 9.98 -10.67
CA HIS A 509 6.84 11.08 -10.00
C HIS A 509 8.33 10.96 -10.14
N ASN A 510 8.87 9.80 -10.55
CA ASN A 510 10.30 9.60 -10.74
C ASN A 510 11.12 9.85 -9.48
N GLN A 511 10.59 9.44 -8.35
CA GLN A 511 11.33 9.40 -7.10
CA GLN A 511 11.34 9.43 -7.11
C GLN A 511 12.34 8.27 -7.08
N PRO A 512 13.36 8.35 -6.22
CA PRO A 512 14.33 7.23 -6.14
C PRO A 512 13.65 5.92 -5.80
N THR A 513 14.17 4.84 -6.39
CA THR A 513 13.73 3.48 -6.06
C THR A 513 14.62 2.94 -4.91
N LEU A 514 14.54 1.65 -4.64
CA LEU A 514 15.17 1.07 -3.46
C LEU A 514 16.67 1.35 -3.48
N LEU A 515 17.18 1.92 -2.39
CA LEU A 515 18.57 2.35 -2.36
C LEU A 515 19.55 1.30 -1.89
N ALA A 516 19.05 0.29 -1.17
CA ALA A 516 19.90 -0.78 -0.62
C ALA A 516 20.80 -1.40 -1.69
N ASP A 517 21.92 -1.94 -1.25
CA ASP A 517 22.79 -2.66 -2.15
C ASP A 517 22.02 -3.79 -2.82
N PRO A 518 22.27 -4.02 -4.13
CA PRO A 518 21.47 -5.02 -4.83
CA PRO A 518 21.50 -5.03 -4.86
C PRO A 518 21.65 -6.46 -4.33
N GLY A 519 22.70 -6.72 -3.57
CA GLY A 519 22.91 -8.02 -2.97
C GLY A 519 22.32 -8.22 -1.56
N SER A 520 21.69 -7.18 -1.03
CA SER A 520 21.10 -7.24 0.30
C SER A 520 19.89 -8.15 0.38
N SER A 521 19.56 -8.59 1.61
CA SER A 521 18.32 -9.29 1.87
C SER A 521 17.10 -8.49 1.38
N ILE A 522 17.05 -7.20 1.71
CA ILE A 522 15.89 -6.43 1.32
C ILE A 522 15.77 -6.29 -0.20
N ALA A 523 16.88 -6.13 -0.92
CA ALA A 523 16.77 -6.06 -2.39
C ALA A 523 16.22 -7.34 -2.98
N ARG A 524 16.47 -8.47 -2.32
CA ARG A 524 15.99 -9.75 -2.79
CA ARG A 524 15.99 -9.76 -2.79
C ARG A 524 14.53 -9.98 -2.40
N ARG A 525 14.13 -9.57 -1.19
CA ARG A 525 12.75 -9.75 -0.72
C ARG A 525 11.79 -8.70 -1.27
N ALA A 526 12.33 -7.53 -1.62
CA ALA A 526 11.55 -6.45 -2.19
C ALA A 526 12.14 -6.10 -3.57
N ALA A 527 12.40 -7.12 -4.39
CA ALA A 527 12.94 -6.91 -5.71
C ALA A 527 12.08 -5.95 -6.53
N PHE A 528 10.77 -5.98 -6.34
CA PHE A 528 9.90 -5.07 -7.09
C PHE A 528 10.35 -3.63 -6.94
N ALA A 529 10.88 -3.30 -5.77
CA ALA A 529 11.17 -1.93 -5.39
C ALA A 529 12.42 -1.39 -6.07
N THR A 530 13.16 -2.26 -6.77
CA THR A 530 14.41 -1.87 -7.44
C THR A 530 14.17 -1.31 -8.84
N LYS A 531 12.95 -1.38 -9.35
CA LYS A 531 12.62 -0.91 -10.71
C LYS A 531 11.27 -0.22 -10.70
N ASP A 532 11.10 0.78 -11.55
CA ASP A 532 9.93 1.60 -11.53
C ASP A 532 8.68 0.93 -12.12
N LEU A 533 8.85 0.08 -13.11
CA LEU A 533 7.68 -0.43 -13.83
C LEU A 533 7.93 -1.86 -14.26
N TRP A 534 6.96 -2.74 -13.99
CA TRP A 534 7.00 -4.13 -14.44
C TRP A 534 5.69 -4.39 -15.17
N VAL A 535 5.72 -5.20 -16.22
CA VAL A 535 4.49 -5.63 -16.88
C VAL A 535 4.46 -7.16 -16.93
N THR A 536 3.39 -7.75 -16.40
CA THR A 536 3.22 -9.19 -16.48
C THR A 536 1.95 -9.54 -17.25
N ARG A 537 1.92 -10.78 -17.70
CA ARG A 537 0.71 -11.41 -18.20
C ARG A 537 -0.16 -11.77 -17.01
N TYR A 538 -1.45 -11.44 -17.08
CA TYR A 538 -2.38 -11.72 -16.00
C TYR A 538 -2.37 -13.22 -15.66
N ALA A 539 -2.36 -13.52 -14.37
CA ALA A 539 -2.60 -14.87 -13.87
C ALA A 539 -3.27 -14.73 -12.52
N ASP A 540 -4.29 -15.56 -12.28
N ASP A 540 -4.26 -15.57 -12.23
CA ASP A 540 -5.09 -15.47 -11.07
CA ASP A 540 -5.08 -15.34 -11.05
C ASP A 540 -4.23 -15.43 -9.80
C ASP A 540 -4.38 -15.66 -9.72
N ASP A 541 -3.19 -16.26 -9.77
CA ASP A 541 -2.42 -16.46 -8.55
C ASP A 541 -1.25 -15.49 -8.37
N GLU A 542 -1.08 -14.55 -9.30
CA GLU A 542 -0.03 -13.54 -9.21
C GLU A 542 -0.63 -12.24 -8.69
N ARG A 543 -0.69 -12.15 -7.37
CA ARG A 543 -1.45 -11.11 -6.69
C ARG A 543 -0.55 -10.02 -6.10
N TYR A 544 0.61 -10.40 -5.57
CA TYR A 544 1.45 -9.46 -4.83
C TYR A 544 2.86 -9.47 -5.39
N PRO A 545 3.53 -8.33 -5.41
CA PRO A 545 4.84 -8.29 -6.05
C PRO A 545 5.92 -9.00 -5.26
N THR A 546 5.61 -9.29 -4.00
CA THR A 546 6.46 -9.91 -3.00
C THR A 546 6.03 -11.36 -2.70
N GLY A 547 5.01 -11.85 -3.39
CA GLY A 547 4.48 -13.19 -3.14
C GLY A 547 3.45 -13.22 -2.01
N ASP A 548 2.92 -14.40 -1.73
CA ASP A 548 1.78 -14.54 -0.82
C ASP A 548 2.16 -14.45 0.65
N PHE A 549 3.31 -15.01 1.03
CA PHE A 549 3.75 -15.08 2.44
C PHE A 549 5.07 -14.34 2.56
N VAL A 550 4.98 -13.06 2.90
CA VAL A 550 6.16 -12.21 2.89
C VAL A 550 7.01 -12.37 4.15
N ASN A 551 6.36 -12.56 5.29
CA ASN A 551 7.04 -12.61 6.58
C ASN A 551 8.10 -13.69 6.61
N GLN A 552 9.36 -13.29 6.82
CA GLN A 552 10.50 -14.20 6.94
C GLN A 552 10.67 -15.07 5.70
N HIS A 553 10.23 -14.57 4.54
CA HIS A 553 10.49 -15.26 3.29
C HIS A 553 11.89 -14.91 2.77
N SER A 554 12.67 -15.90 2.37
N SER A 554 12.55 -15.95 2.25
CA SER A 554 13.99 -15.59 1.84
CA SER A 554 13.94 -15.95 1.74
C SER A 554 13.82 -14.87 0.49
C SER A 554 14.35 -14.85 0.79
N GLY A 555 14.86 -14.23 0.00
N GLY A 555 13.44 -14.50 -0.10
CA GLY A 555 14.75 -13.47 -1.24
CA GLY A 555 13.80 -13.68 -1.21
C GLY A 555 14.31 -14.28 -2.45
C GLY A 555 13.47 -14.35 -2.52
N GLY A 556 13.64 -13.62 -3.41
N GLY A 556 13.51 -13.55 -3.57
CA GLY A 556 13.34 -14.23 -4.70
CA GLY A 556 13.30 -14.09 -4.89
C GLY A 556 11.89 -14.24 -5.17
C GLY A 556 11.86 -14.39 -5.16
N ALA A 557 10.96 -14.06 -4.24
CA ALA A 557 9.55 -14.34 -4.48
C ALA A 557 8.87 -13.23 -5.25
N GLY A 558 7.73 -13.52 -5.87
CA GLY A 558 6.96 -12.47 -6.50
C GLY A 558 7.42 -12.12 -7.89
N LEU A 559 7.47 -10.83 -8.21
CA LEU A 559 7.68 -10.40 -9.60
CA LEU A 559 7.68 -10.40 -9.59
C LEU A 559 8.88 -11.01 -10.32
N PRO A 560 10.06 -11.10 -9.67
CA PRO A 560 11.16 -11.67 -10.46
C PRO A 560 10.91 -13.10 -10.87
N SER A 561 10.17 -13.83 -10.04
N SER A 561 10.18 -13.87 -10.08
N SER A 561 10.14 -13.83 -10.06
CA SER A 561 9.77 -15.19 -10.36
CA SER A 561 9.81 -15.22 -10.47
CA SER A 561 9.77 -15.20 -10.38
C SER A 561 8.72 -15.22 -11.46
C SER A 561 8.72 -15.20 -11.56
C SER A 561 8.70 -15.23 -11.47
N TYR A 562 7.73 -14.33 -11.41
CA TYR A 562 6.66 -14.35 -12.37
CA TYR A 562 6.63 -14.22 -12.40
C TYR A 562 7.16 -14.00 -13.78
N ILE A 563 8.04 -13.02 -13.91
CA ILE A 563 8.46 -12.65 -15.26
CA ILE A 563 8.60 -12.56 -15.19
C ILE A 563 9.39 -13.65 -15.93
N ALA A 564 9.93 -14.60 -15.17
CA ALA A 564 10.73 -15.65 -15.78
C ALA A 564 9.93 -16.47 -16.77
N GLN A 565 8.61 -16.41 -16.68
CA GLN A 565 7.76 -17.14 -17.60
C GLN A 565 7.83 -16.55 -19.01
N ASP A 566 8.33 -15.32 -19.12
CA ASP A 566 8.58 -14.67 -20.41
C ASP A 566 7.38 -14.73 -21.33
N ARG A 567 6.21 -14.41 -20.78
CA ARG A 567 4.97 -14.54 -21.52
C ARG A 567 4.77 -13.37 -22.49
N ASP A 568 3.96 -13.62 -23.51
CA ASP A 568 3.54 -12.60 -24.47
C ASP A 568 2.65 -11.55 -23.77
N ILE A 569 3.02 -10.28 -23.88
CA ILE A 569 2.25 -9.18 -23.30
C ILE A 569 1.88 -8.17 -24.40
N ASP A 570 2.01 -8.56 -25.67
CA ASP A 570 1.72 -7.65 -26.78
C ASP A 570 0.31 -7.88 -27.30
N GLY A 571 -0.66 -7.16 -26.75
CA GLY A 571 -2.06 -7.39 -27.09
C GLY A 571 -2.63 -8.58 -26.35
N GLN A 572 -2.51 -8.55 -25.03
CA GLN A 572 -2.92 -9.64 -24.16
C GLN A 572 -3.46 -9.04 -22.87
N ASP A 573 -3.95 -9.90 -21.99
CA ASP A 573 -4.48 -9.50 -20.68
C ASP A 573 -3.31 -9.28 -19.74
N ILE A 574 -3.01 -8.01 -19.43
CA ILE A 574 -1.76 -7.66 -18.76
C ILE A 574 -1.98 -6.85 -17.50
N VAL A 575 -0.94 -6.83 -16.67
CA VAL A 575 -0.94 -6.17 -15.39
C VAL A 575 0.32 -5.30 -15.29
N VAL A 576 0.14 -4.02 -14.94
CA VAL A 576 1.24 -3.08 -14.73
C VAL A 576 1.48 -2.97 -13.23
N TRP A 577 2.75 -3.06 -12.82
CA TRP A 577 3.12 -2.94 -11.41
C TRP A 577 4.08 -1.74 -11.31
N HIS A 578 3.59 -0.64 -10.74
CA HIS A 578 4.38 0.58 -10.65
C HIS A 578 4.87 0.78 -9.24
N THR A 579 6.19 0.88 -9.13
CA THR A 579 6.89 1.17 -7.87
C THR A 579 7.06 2.67 -7.72
N PHE A 580 6.74 3.20 -6.53
CA PHE A 580 6.91 4.62 -6.27
C PHE A 580 7.07 4.82 -4.77
N GLY A 581 7.87 5.78 -4.36
CA GLY A 581 8.08 5.93 -2.94
C GLY A 581 8.71 7.24 -2.55
N LEU A 582 8.77 7.41 -1.24
CA LEU A 582 9.44 8.56 -0.66
CA LEU A 582 9.40 8.55 -0.57
C LEU A 582 10.71 8.14 0.06
N THR A 583 11.73 8.95 -0.09
CA THR A 583 13.01 8.76 0.60
C THR A 583 13.10 9.84 1.69
N HIS A 584 13.18 9.41 2.94
CA HIS A 584 12.96 10.27 4.09
CA HIS A 584 13.03 10.29 4.09
C HIS A 584 14.25 10.41 4.92
N PHE A 585 14.79 11.62 4.93
CA PHE A 585 15.85 12.04 5.82
C PHE A 585 15.17 12.93 6.85
N PRO A 586 14.76 12.38 8.00
CA PRO A 586 13.80 13.17 8.78
C PRO A 586 14.35 14.51 9.25
N ARG A 587 13.49 15.51 9.24
CA ARG A 587 13.85 16.88 9.56
CA ARG A 587 13.84 16.88 9.59
C ARG A 587 13.38 17.19 10.98
N VAL A 588 13.92 18.24 11.59
CA VAL A 588 13.47 18.69 12.88
CA VAL A 588 13.45 18.60 12.91
C VAL A 588 11.96 18.96 12.86
N GLU A 589 11.45 19.48 11.74
CA GLU A 589 10.04 19.79 11.59
C GLU A 589 9.15 18.56 11.64
N ASP A 590 9.72 17.36 11.48
CA ASP A 590 8.95 16.13 11.54
C ASP A 590 8.69 15.67 12.99
N TRP A 591 9.32 16.35 13.95
CA TRP A 591 9.23 15.97 15.38
C TRP A 591 8.45 17.06 16.12
N PRO A 592 7.53 16.70 17.04
CA PRO A 592 7.25 15.37 17.59
C PRO A 592 6.18 14.57 16.86
N ILE A 593 5.50 15.17 15.90
CA ILE A 593 4.55 14.47 15.04
C ILE A 593 4.70 15.08 13.67
N MET A 594 4.70 14.26 12.64
CA MET A 594 5.15 14.76 11.35
CA MET A 594 5.11 14.63 11.29
C MET A 594 4.03 15.27 10.46
N PRO A 595 4.25 16.42 9.84
N PRO A 595 4.31 16.40 9.82
CA PRO A 595 3.34 16.91 8.80
CA PRO A 595 3.31 16.83 8.86
C PRO A 595 3.32 16.01 7.57
C PRO A 595 3.27 15.85 7.69
N VAL A 596 2.15 15.82 7.00
CA VAL A 596 2.00 14.94 5.84
C VAL A 596 2.97 15.26 4.73
N ASP A 597 3.53 14.20 4.17
CA ASP A 597 4.19 14.33 2.89
CA ASP A 597 4.33 14.21 2.94
C ASP A 597 3.59 13.29 1.96
N THR A 598 3.73 13.51 0.66
CA THR A 598 2.93 12.79 -0.35
CA THR A 598 2.97 12.77 -0.30
C THR A 598 3.77 12.19 -1.47
N VAL A 599 3.23 11.13 -2.07
CA VAL A 599 3.78 10.56 -3.28
C VAL A 599 2.66 9.83 -3.99
N GLY A 600 2.79 9.60 -5.30
CA GLY A 600 1.73 8.90 -6.01
C GLY A 600 2.05 8.85 -7.48
N PHE A 601 1.00 8.76 -8.29
CA PHE A 601 1.12 8.65 -9.74
C PHE A 601 -0.25 8.97 -10.34
N LYS A 602 -0.28 9.16 -11.66
CA LYS A 602 -1.55 9.35 -12.33
CA LYS A 602 -1.56 9.34 -12.34
C LYS A 602 -1.52 8.70 -13.70
N LEU A 603 -2.71 8.45 -14.23
CA LEU A 603 -2.88 8.00 -15.59
C LEU A 603 -3.84 8.95 -16.29
N ARG A 604 -3.46 9.42 -17.47
CA ARG A 604 -4.27 10.36 -18.24
C ARG A 604 -4.64 9.73 -19.56
N PRO A 605 -5.85 9.99 -20.06
CA PRO A 605 -6.23 9.45 -21.36
C PRO A 605 -5.29 9.98 -22.45
N GLU A 606 -4.99 9.13 -23.43
CA GLU A 606 -4.07 9.42 -24.51
C GLU A 606 -4.70 8.94 -25.80
N GLY A 607 -5.55 9.77 -26.40
CA GLY A 607 -6.31 9.32 -27.56
C GLY A 607 -7.30 8.23 -27.22
N PHE A 608 -7.70 8.14 -25.96
CA PHE A 608 -8.80 7.25 -25.58
C PHE A 608 -10.13 7.78 -26.11
N PHE A 609 -10.32 9.08 -26.01
CA PHE A 609 -11.54 9.74 -26.45
C PHE A 609 -11.36 10.36 -27.85
N ASP A 610 -12.48 10.66 -28.50
CA ASP A 610 -12.45 11.24 -29.85
C ASP A 610 -12.31 12.77 -29.88
N ARG A 611 -12.32 13.37 -28.69
CA ARG A 611 -12.19 14.79 -28.41
C ARG A 611 -12.29 14.92 -26.90
N SER A 612 -12.10 16.12 -26.35
CA SER A 612 -12.27 16.31 -24.93
C SER A 612 -13.59 15.66 -24.45
N PRO A 613 -13.53 14.90 -23.33
CA PRO A 613 -14.75 14.26 -22.82
C PRO A 613 -15.53 15.17 -21.84
N VAL A 614 -15.15 16.42 -21.72
CA VAL A 614 -15.79 17.33 -20.78
C VAL A 614 -16.40 18.55 -21.45
N LEU A 615 -16.75 18.41 -22.72
CA LEU A 615 -17.42 19.52 -23.39
C LEU A 615 -18.86 19.69 -22.92
N ASP A 616 -19.44 18.68 -22.30
CA ASP A 616 -20.81 18.76 -21.82
C ASP A 616 -20.91 19.20 -20.36
N VAL A 617 -19.81 19.62 -19.74
CA VAL A 617 -19.87 20.18 -18.40
C VAL A 617 -20.47 21.58 -18.51
N PRO A 618 -21.50 21.86 -17.71
CA PRO A 618 -22.12 23.20 -17.81
C PRO A 618 -21.34 24.24 -17.04
N ALA A 619 -21.62 25.50 -17.31
CA ALA A 619 -21.04 26.60 -16.55
C ALA A 619 -21.48 26.48 -15.11
N ASN A 620 -20.63 26.92 -14.17
CA ASN A 620 -20.90 26.77 -12.75
C ASN A 620 -22.02 27.72 -12.34
N PRO A 621 -22.91 27.29 -11.42
CA PRO A 621 -23.96 28.17 -10.89
C PRO A 621 -23.40 29.40 -10.18
CU CU B . 9.26 8.38 6.75
NA NA C . -5.44 -7.03 -17.70
C1 EDO D . -6.89 -13.52 -1.18
O1 EDO D . -8.23 -13.17 -1.55
C2 EDO D . -5.81 -13.55 -2.25
O2 EDO D . -4.63 -13.32 -1.53
H11 EDO D . -6.92 -14.51 -0.72
H12 EDO D . -6.56 -12.83 -0.40
HO1 EDO D . -8.80 -13.21 -0.77
H21 EDO D . -5.98 -12.77 -2.98
H22 EDO D . -5.78 -14.53 -2.73
HO2 EDO D . -3.88 -13.32 -2.13
C1 EDO E . 30.27 12.65 10.72
O1 EDO E . 29.23 13.61 10.53
C2 EDO E . 29.69 11.25 10.74
O2 EDO E . 30.77 10.29 10.71
H11 EDO E . 31.01 12.74 9.91
H12 EDO E . 30.79 12.86 11.66
HO1 EDO E . 29.60 14.50 10.51
H21 EDO E . 29.04 11.10 9.88
H22 EDO E . 29.10 11.11 11.65
HO2 EDO E . 30.40 9.40 10.73
C1 EDO F . -8.06 20.58 -13.87
O1 EDO F . -7.70 21.30 -12.69
C2 EDO F . -7.00 19.67 -14.57
O2 EDO F . -7.56 19.09 -15.78
H11 EDO F . -8.40 21.31 -14.62
H12 EDO F . -8.93 19.96 -13.64
HO1 EDO F . -8.46 21.81 -12.38
H21 EDO F . -6.69 18.89 -13.90
H22 EDO F . -6.12 20.27 -14.83
HO2 EDO F . -6.89 18.52 -16.21
C1 EDO G . 11.94 20.90 -42.85
O1 EDO G . 11.71 20.99 -44.26
C2 EDO G . 13.15 21.75 -42.53
O2 EDO G . 14.24 21.31 -43.36
H11 EDO G . 11.07 21.28 -42.31
H12 EDO G . 12.12 19.86 -42.56
HO1 EDO G . 10.94 20.46 -44.50
H21 EDO G . 13.41 21.64 -41.47
H22 EDO G . 12.94 22.80 -42.72
HO2 EDO G . 15.02 21.84 -43.16
C1 EDO H . 27.73 -9.57 18.08
O1 EDO H . 28.24 -8.56 17.20
C2 EDO H . 26.21 -9.59 18.01
O2 EDO H . 25.71 -10.86 18.44
H11 EDO H . 28.05 -9.35 19.10
H12 EDO H . 28.13 -10.54 17.79
HO1 EDO H . 29.20 -8.55 17.25
H21 EDO H . 25.89 -9.41 16.98
H22 EDO H . 25.80 -8.80 18.63
HO2 EDO H . 24.74 -10.86 18.38
C1 EDO I . 15.11 -11.49 -5.93
O1 EDO I . 13.69 -11.28 -6.02
C2 EDO I . 15.79 -11.42 -7.27
O2 EDO I . 15.66 -10.11 -7.83
H11 EDO I . 15.29 -12.47 -5.49
H12 EDO I . 15.53 -10.74 -5.26
HO1 EDO I . 13.30 -11.35 -5.14
H21 EDO I . 15.35 -12.15 -7.95
H22 EDO I . 16.85 -11.66 -7.16
HO2 EDO I . 16.10 -10.08 -8.69
C1 EDO J . 16.99 15.37 -38.52
O1 EDO J . 16.32 16.43 -39.22
C2 EDO J . 16.73 15.49 -37.03
O2 EDO J . 16.50 14.19 -36.48
H11 EDO J . 18.07 15.44 -38.72
H12 EDO J . 16.64 14.40 -38.89
HO1 EDO J . 16.48 16.34 -40.18
H21 EDO J . 17.59 15.96 -36.55
H22 EDO J . 15.86 16.13 -36.86
HO2 EDO J . 16.33 14.27 -35.53
C1 EDO K . -18.83 30.63 -22.72
O1 EDO K . -19.48 31.90 -22.65
C2 EDO K . -19.27 29.76 -21.54
O2 EDO K . -20.51 29.07 -21.80
H11 EDO K . -17.75 30.76 -22.69
H12 EDO K . -19.10 30.13 -23.65
HO1 EDO K . -19.19 32.44 -23.40
H21 EDO K . -19.38 30.38 -20.66
H22 EDO K . -18.48 29.02 -21.33
HO2 EDO K . -20.75 28.53 -21.04
C1 EDO L . -10.83 -9.49 0.09
O1 EDO L . -10.46 -9.47 -1.28
C2 EDO L . -12.16 -8.87 0.53
O2 EDO L . -12.80 -9.50 1.67
H11 EDO L . -10.82 -10.52 0.42
H12 EDO L . -10.04 -8.97 0.65
HO1 EDO L . -9.59 -9.89 -1.39
H21 EDO L . -12.00 -7.82 0.76
H22 EDO L . -12.85 -8.90 -0.31
HO2 EDO L . -13.63 -9.05 1.87
C1 EDO M . 28.68 9.17 2.53
O1 EDO M . 28.42 8.00 3.33
C2 EDO M . 27.86 10.35 2.99
O2 EDO M . 28.19 11.54 2.24
H11 EDO M . 28.44 8.94 1.49
H12 EDO M . 29.74 9.42 2.58
HO1 EDO M . 28.95 7.27 3.01
H21 EDO M . 26.79 10.14 2.87
H22 EDO M . 28.05 10.54 4.06
HO2 EDO M . 27.66 12.29 2.55
C1 EDO N . 27.60 16.47 16.94
O1 EDO N . 26.96 16.01 15.75
C2 EDO N . 26.56 16.82 18.00
O2 EDO N . 25.93 15.63 18.50
H11 EDO N . 28.21 17.35 16.71
H12 EDO N . 28.27 15.69 17.32
HO1 EDO N . 27.62 15.79 15.09
H21 EDO N . 27.05 17.35 18.83
H22 EDO N . 25.81 17.48 17.57
HO2 EDO N . 25.28 15.87 19.16
C1 EDO O . 23.66 -13.01 24.04
O1 EDO O . 23.48 -12.22 22.86
C2 EDO O . 22.50 -13.96 24.30
O2 EDO O . 21.45 -13.65 23.41
H11 EDO O . 23.77 -12.34 24.90
H12 EDO O . 24.59 -13.59 23.95
HO1 EDO O . 24.25 -11.64 22.74
H21 EDO O . 22.15 -13.85 25.34
H22 EDO O . 22.83 -15.00 24.15
HO2 EDO O . 20.71 -14.24 23.56
C1 PEG P . 1.22 8.61 -33.22
O1 PEG P . 1.17 7.80 -34.33
C2 PEG P . 2.61 9.06 -32.93
O2 PEG P . 3.37 7.96 -32.61
C3 PEG P . 4.54 8.00 -31.89
C4 PEG P . 5.64 8.55 -32.71
O4 PEG P . 6.41 7.54 -33.26
H11 PEG P . 0.66 9.39 -33.36
H12 PEG P . 0.88 8.12 -32.44
HO1 PEG P . 0.33 7.72 -34.59
H21 PEG P . 2.98 9.51 -33.71
H22 PEG P . 2.60 9.66 -32.18
H31 PEG P . 4.40 8.57 -31.11
H32 PEG P . 4.77 7.10 -31.59
H41 PEG P . 5.28 9.12 -33.42
H42 PEG P . 6.22 9.09 -32.14
HO4 PEG P . 7.08 7.90 -33.73
C1 PEG Q . 23.54 13.56 -12.85
O1 PEG Q . 24.15 13.29 -11.64
C2 PEG Q . 23.35 15.02 -12.94
O2 PEG Q . 24.47 15.58 -12.37
C3 PEG Q . 25.10 16.70 -12.83
C4 PEG Q . 25.94 17.18 -11.71
O4 PEG Q . 26.50 16.09 -11.07
H11 PEG Q . 24.13 13.27 -13.57
H12 PEG Q . 22.69 13.10 -12.91
HO1 PEG Q . 24.47 12.46 -11.65
H21 PEG Q . 22.57 15.29 -12.40
H22 PEG Q . 23.23 15.31 -13.85
H31 PEG Q . 24.44 17.38 -13.09
H32 PEG Q . 25.66 16.47 -13.59
H41 PEG Q . 26.62 17.77 -12.05
H42 PEG Q . 25.37 17.65 -11.07
HO4 PEG Q . 26.99 16.38 -10.39
C1 PEG R . 25.77 8.24 22.80
O1 PEG R . 26.32 7.06 23.21
C2 PEG R . 26.38 8.71 21.51
O2 PEG R . 26.59 7.62 20.68
C3 PEG R . 27.75 7.54 19.95
C4 PEG R . 27.71 6.48 18.88
O4 PEG R . 27.83 5.20 19.39
H11 PEG R . 24.81 8.10 22.65
H12 PEG R . 25.88 8.92 23.48
HO1 PEG R . 25.83 6.70 23.84
H21 PEG R . 25.80 9.36 21.08
H22 PEG R . 27.24 9.10 21.71
H31 PEG R . 27.89 8.41 19.51
H32 PEG R . 28.50 7.38 20.54
H41 PEG R . 26.88 6.57 18.38
H42 PEG R . 28.46 6.63 18.27
HO4 PEG R . 27.82 4.61 18.72
C1 PEG S . 0.16 3.12 17.28
O1 PEG S . 0.03 2.19 16.31
C2 PEG S . 0.89 2.51 18.40
O2 PEG S . 2.26 2.54 18.40
C3 PEG S . 2.89 1.46 18.97
C4 PEG S . 2.85 0.41 17.96
O4 PEG S . 3.64 -0.57 18.55
H11 PEG S . 0.64 3.90 16.94
H12 PEG S . -0.73 3.40 17.58
HO1 PEG S . -0.26 2.57 15.56
H21 PEG S . 0.60 1.58 18.49
H22 PEG S . 0.60 2.97 19.21
H31 PEG S . 3.81 1.68 19.17
H32 PEG S . 2.42 1.18 19.77
H41 PEG S . 1.94 0.10 17.82
H42 PEG S . 3.24 0.71 17.13
HO4 PEG S . 4.45 -0.25 18.70
C1 PEG T . -23.04 -6.14 3.44
O1 PEG T . -22.17 -6.04 4.47
C2 PEG T . -22.24 -5.94 2.21
O2 PEG T . -21.76 -7.15 1.80
C3 PEG T . -22.31 -7.67 0.65
C4 PEG T . -21.91 -9.10 0.39
O4 PEG T . -22.47 -10.04 1.19
H11 PEG T . -23.71 -5.44 3.51
H12 PEG T . -23.47 -7.02 3.42
HO1 PEG T . -22.57 -6.34 5.22
H21 PEG T . -21.52 -5.32 2.39
H22 PEG T . -22.81 -5.57 1.51
H31 PEG T . -23.27 -7.63 0.71
H32 PEG T . -22.02 -7.13 -0.10
H41 PEG T . -20.94 -9.16 0.46
H42 PEG T . -22.15 -9.31 -0.53
HO4 PEG T . -22.16 -10.85 0.95
C1 PEG U . -22.11 31.86 -15.43
O1 PEG U . -22.69 32.79 -16.28
C2 PEG U . -20.62 31.91 -15.58
O2 PEG U . -20.28 32.16 -16.89
C3 PEG U . -20.39 31.18 -17.85
C4 PEG U . -21.76 31.12 -18.42
O4 PEG U . -21.77 30.33 -19.55
H11 PEG U . -22.42 30.98 -15.69
H12 PEG U . -22.36 32.04 -14.52
HO1 PEG U . -23.54 32.89 -16.07
H21 PEG U . -20.26 32.61 -15.01
H22 PEG U . -20.25 31.06 -15.30
H31 PEG U . -19.77 31.39 -18.56
H32 PEG U . -20.15 30.31 -17.46
H41 PEG U . -22.38 30.74 -17.77
H42 PEG U . -22.06 32.01 -18.66
HO4 PEG U . -22.58 30.32 -19.91
C1 PEG V . -3.77 15.12 -4.51
O1 PEG V . -3.91 15.40 -5.80
C2 PEG V . -4.54 16.08 -3.70
O2 PEG V . -4.60 16.07 -2.33
C3 PEG V . -5.07 17.27 -1.84
C4 PEG V . -4.52 17.42 -0.48
O4 PEG V . -5.27 18.19 0.36
H11 PEG V . -4.10 14.22 -4.34
H12 PEG V . -2.83 15.18 -4.27
HO1 PEG V . -3.61 14.72 -6.28
H21 PEG V . -4.21 16.97 -3.94
H22 PEG V . -5.46 16.02 -3.99
H31 PEG V . -4.78 18.02 -2.40
H32 PEG V . -6.04 17.24 -1.80
H41 PEG V . -4.47 16.53 -0.09
H42 PEG V . -3.62 17.78 -0.54
HO4 PEG V . -4.87 18.24 1.15
C1 PEG W . -5.41 -9.96 -4.88
O1 PEG W . -4.97 -10.55 -3.72
C2 PEG W . -5.81 -10.89 -5.94
O2 PEG W . -6.27 -9.95 -6.81
C3 PEG W . -7.19 -10.26 -7.73
C4 PEG W . -6.44 -11.06 -8.72
O4 PEG W . -6.52 -12.36 -8.28
H11 PEG W . -6.19 -9.41 -4.65
H12 PEG W . -4.72 -9.38 -5.23
HO1 PEG W . -4.93 -9.95 -3.08
H21 PEG W . -6.52 -11.49 -5.65
H22 PEG W . -5.04 -11.37 -6.30
H31 PEG W . -7.92 -10.76 -7.35
H32 PEG W . -7.52 -9.44 -8.14
H41 PEG W . -6.87 -10.98 -9.59
H42 PEG W . -5.52 -10.75 -8.77
HO4 PEG W . -6.08 -12.88 -8.85
C1 PEG X . -9.63 -13.06 -10.95
O1 PEG X . -9.50 -11.82 -11.56
C2 PEG X . -8.78 -13.04 -9.75
O2 PEG X . -8.22 -14.26 -9.46
C3 PEG X . -8.12 -14.71 -8.16
C4 PEG X . -8.97 -15.89 -7.88
O4 PEG X . -8.29 -17.07 -8.16
H11 PEG X . -9.32 -13.74 -11.55
H12 PEG X . -10.56 -13.22 -10.70
HO1 PEG X . -10.13 -11.74 -12.18
H21 PEG X . -9.29 -12.74 -8.98
H22 PEG X . -8.06 -12.40 -9.89
H31 PEG X . -7.19 -14.93 -7.97
H32 PEG X . -8.40 -13.98 -7.58
H41 PEG X . -9.20 -15.89 -6.93
H42 PEG X . -9.79 -15.85 -8.40
HO4 PEG X . -8.81 -17.76 -7.99
C1 PGE Y . 1.19 -7.55 15.96
O1 PGE Y . 1.78 -8.55 16.69
C2 PGE Y . 0.00 -7.06 16.65
O2 PGE Y . -0.35 -5.81 16.23
C3 PGE Y . -0.01 -5.35 14.97
C4 PGE Y . -0.18 -3.90 15.03
O4 PGE Y . -0.97 -0.09 14.27
C6 PGE Y . -0.27 -1.25 14.50
C5 PGE Y . -0.67 -2.26 13.48
O3 PGE Y . 0.00 -3.41 13.77
H1 PGE Y . 1.83 -6.82 15.85
H12 PGE Y . 0.94 -7.89 15.08
HO1 PGE Y . 2.46 -8.90 16.22
H2 PGE Y . -0.74 -7.68 16.51
H22 PGE Y . 0.20 -7.01 17.61
H3 PGE Y . 0.91 -5.57 14.78
H32 PGE Y . -0.61 -5.73 14.30
H4 PGE Y . 0.47 -3.51 15.64
H42 PGE Y . -1.08 -3.70 15.33
HO4 PGE Y . -0.76 0.51 14.89
H6 PGE Y . 0.68 -1.08 14.42
H62 PGE Y . -0.47 -1.59 15.39
H5 PGE Y . -1.62 -2.41 13.54
H52 PGE Y . -0.43 -1.95 12.59
C1 PGE Z . -13.09 11.12 -38.99
O1 PGE Z . -12.85 11.22 -40.35
C2 PGE Z . -14.38 11.79 -38.67
O2 PGE Z . -14.79 11.38 -37.42
C3 PGE Z . -16.08 11.60 -37.00
C4 PGE Z . -16.53 10.47 -36.13
O4 PGE Z . -14.96 6.11 -35.92
C6 PGE Z . -15.30 7.17 -36.74
C5 PGE Z . -16.09 8.16 -35.95
O3 PGE Z . -16.37 9.26 -36.75
H1 PGE Z . -13.15 10.19 -38.73
H12 PGE Z . -12.38 11.55 -38.49
HO1 PGE Z . -12.05 10.88 -40.53
H2 PGE Z . -14.27 12.76 -38.68
H22 PGE Z . -15.06 11.56 -39.32
H3 PGE Z . -16.14 12.45 -36.52
H32 PGE Z . -16.66 11.63 -37.78
H4 PGE Z . -16.02 10.48 -35.29
H42 PGE Z . -17.47 10.60 -35.91
HO4 PGE Z . -14.51 5.50 -36.40
H6 PGE Z . -14.48 7.59 -37.07
H62 PGE Z . -15.83 6.85 -37.49
H5 PGE Z . -16.92 7.75 -35.64
H52 PGE Z . -15.56 8.44 -35.19
C1 PGE AA . 29.58 1.63 19.62
O1 PGE AA . 30.03 1.07 18.45
C2 PGE AA . 28.15 1.23 19.88
O2 PGE AA . 27.77 1.65 21.15
C3 PGE AA . 27.82 3.01 21.39
C4 PGE AA . 27.28 3.40 22.72
O4 PGE AA . 30.40 6.90 23.35
C6 PGE AA . 29.07 6.57 23.44
C5 PGE AA . 28.87 5.19 22.91
O3 PGE AA . 27.56 4.75 22.96
H1 PGE AA . 29.63 2.59 19.57
H12 PGE AA . 30.13 1.31 20.36
HO1 PGE AA . 30.84 1.39 18.27
H2 PGE AA . 28.05 0.26 19.81
H22 PGE AA . 27.59 1.66 19.22
H3 PGE AA . 28.76 3.29 21.35
H32 PGE AA . 27.32 3.48 20.70
H4 PGE AA . 26.33 3.26 22.73
H42 PGE AA . 27.70 2.87 23.41
HO4 PGE AA . 30.52 7.73 23.63
H6 PGE AA . 28.53 7.20 22.92
H62 PGE AA . 28.78 6.60 24.37
H5 PGE AA . 29.17 5.16 21.98
H52 PGE AA . 29.41 4.58 23.43
C1 PGE BA . 9.58 22.75 25.55
O1 PGE BA . 9.01 21.89 26.47
C2 PGE BA . 8.48 23.50 24.88
O2 PGE BA . 8.95 24.42 23.98
C3 PGE BA . 8.06 25.01 23.11
C4 PGE BA . 7.14 25.92 23.85
O4 PGE BA . 4.56 29.31 24.21
C6 PGE BA . 5.19 28.09 24.32
C5 PGE BA . 6.03 27.87 23.11
O3 PGE BA . 6.31 26.54 22.96
H1 PGE BA . 10.09 22.25 24.89
H12 PGE BA . 10.17 23.38 26.01
HO1 PGE BA . 9.63 21.37 26.81
H2 PGE BA . 7.91 22.87 24.41
H22 PGE BA . 7.94 23.95 25.55
H3 PGE BA . 7.53 24.31 22.67
H32 PGE BA . 8.55 25.51 22.43
H4 PGE BA . 7.69 26.61 24.29
H42 PGE BA . 6.64 25.43 24.51
HO4 PGE BA . 4.02 29.43 24.91
H6 PGE BA . 5.75 28.08 25.11
H62 PGE BA . 4.52 27.39 24.39
H5 PGE BA . 6.85 28.38 23.18
H52 PGE BA . 5.53 28.17 22.33
C1 PGE CA . 7.26 -0.11 15.15
O1 PGE CA . 6.32 -0.20 16.21
C2 PGE CA . 6.98 0.65 13.86
O2 PGE CA . 6.62 0.03 12.67
C3 PGE CA . 6.22 -1.28 12.78
C4 PGE CA . 5.01 -1.33 13.63
O4 PGE CA . 2.49 -2.12 16.80
C6 PGE CA . 3.73 -1.87 16.19
C5 PGE CA . 3.58 -2.58 14.90
O3 PGE CA . 4.75 -2.57 14.17
H1 PGE CA . 8.05 0.32 15.54
H12 PGE CA . 7.52 -1.01 14.90
HO1 PGE CA . 6.18 0.60 16.55
H2 PGE CA . 7.79 1.15 13.64
H22 PGE CA . 6.30 1.31 14.06
H3 PGE CA . 6.93 -1.80 13.19
H32 PGE CA . 6.02 -1.65 11.90
H4 PGE CA . 5.13 -0.71 14.38
H42 PGE CA . 4.24 -1.03 13.12
HO4 PGE CA . 2.48 -1.78 17.62
H6 PGE CA . 4.47 -2.24 16.71
H62 PGE CA . 3.87 -0.92 16.04
H5 PGE CA . 3.30 -3.50 15.06
H52 PGE CA . 2.89 -2.13 14.38
O1 PG4 DA . 10.41 2.72 40.02
C1 PG4 DA . 10.80 1.44 39.70
C2 PG4 DA . 12.12 1.57 39.04
O2 PG4 DA . 12.80 0.40 38.80
C3 PG4 DA . 13.96 0.46 38.05
C4 PG4 DA . 15.01 1.14 38.85
O3 PG4 DA . 16.16 1.46 38.16
C5 PG4 DA . 17.16 1.98 38.94
C6 PG4 DA . 16.71 3.28 39.47
O4 PG4 DA . 17.77 3.96 40.02
C7 PG4 DA . 17.73 4.71 41.18
C8 PG4 DA . 16.35 4.98 41.60
O5 PG4 DA . 15.76 5.72 40.59
HO1 PG4 DA . 9.57 2.70 40.32
H11 PG4 DA . 10.16 1.03 39.08
H12 PG4 DA . 10.88 0.90 40.50
H21 PG4 DA . 11.99 2.04 38.19
H22 PG4 DA . 12.69 2.12 39.61
H31 PG4 DA . 13.78 0.99 37.25
H32 PG4 DA . 14.26 -0.42 37.80
H41 PG4 DA . 15.24 0.58 39.61
H42 PG4 DA . 14.64 1.98 39.19
H51 PG4 DA . 17.96 2.12 38.40
H52 PG4 DA . 17.37 1.39 39.67
H61 PG4 DA . 16.04 3.13 40.14
H62 PG4 DA . 16.33 3.82 38.75
H71 PG4 DA . 18.20 4.24 41.90
H72 PG4 DA . 18.19 5.55 41.01
H81 PG4 DA . 16.35 5.49 42.43
H82 PG4 DA . 15.88 4.15 41.72
HO5 PG4 DA . 14.90 5.84 40.77
OH2 1PE EA . 6.84 16.36 7.08
C12 1PE EA . 6.95 15.23 6.35
C22 1PE EA . 7.56 14.11 7.07
OH3 1PE EA . 7.06 12.92 6.62
C13 1PE EA . 5.99 11.34 5.62
C23 1PE EA . 5.78 12.65 6.22
OH4 1PE EA . 7.34 11.21 5.43
C14 1PE EA . 8.97 11.02 3.64
C24 1PE EA . 7.83 10.43 4.41
OH5 1PE EA . 9.02 12.38 3.49
C15 1PE EA . 9.52 14.45 4.36
C25 1PE EA . 8.82 13.21 4.53
OH6 1PE EA . 9.65 15.15 5.53
C16 1PE EA . 11.84 15.07 6.11
C26 1PE EA . 10.83 15.74 5.36
OH7 1PE EA . 12.80 15.58 5.34
HO2 1PE EA . 6.34 16.94 6.65
H121 1PE EA . 6.05 14.97 6.08
H122 1PE EA . 7.47 15.41 5.54
H221 1PE EA . 8.52 14.14 6.96
H222 1PE EA . 7.33 14.19 8.01
H131 1PE EA . 5.53 11.26 4.77
H132 1PE EA . 5.69 10.64 6.23
H231 1PE EA . 5.48 13.29 5.54
H232 1PE EA . 5.16 12.61 6.96
H141 1PE EA . 9.79 10.75 4.08
H142 1PE EA . 8.95 10.62 2.75
H241 1PE EA . 7.10 10.29 3.79
H242 1PE EA . 8.10 9.57 4.76
H151 1PE EA . 10.42 14.25 4.04
H152 1PE EA . 9.07 15.00 3.70
H251 1PE EA . 7.86 13.37 4.65
H252 1PE EA . 9.16 12.77 5.34
H161 1PE EA . 11.79 14.09 6.02
H162 1PE EA . 11.90 15.36 7.04
H261 1PE EA . 11.05 15.71 4.41
H262 1PE EA . 10.78 16.67 5.64
HO7 1PE EA . 13.59 15.34 5.66
OH2 1PE FA . 27.82 -7.08 21.91
C12 1PE FA . 26.81 -7.70 21.21
C22 1PE FA . 26.31 -8.89 21.97
OH3 1PE FA . 25.66 -8.46 23.11
C13 1PE FA . 24.58 -8.62 25.18
C23 1PE FA . 25.19 -9.37 24.03
OH4 1PE FA . 25.11 -8.93 26.42
C14 1PE FA . 26.77 -7.81 27.67
C24 1PE FA . 26.47 -8.88 26.67
OH5 1PE FA . 26.28 -6.61 27.22
C15 1PE FA . 28.09 -5.18 26.98
C25 1PE FA . 26.75 -5.37 27.61
OH6 1PE FA . 28.13 -4.03 26.20
C16 1PE FA . 29.95 -4.88 24.86
C26 1PE FA . 28.81 -3.92 24.99
OH7 1PE FA . 30.40 -4.85 23.56
HO2 1PE FA . 28.01 -6.31 21.52
H121 1PE FA . 27.14 -7.99 20.34
H122 1PE FA . 26.07 -7.08 21.06
H221 1PE FA . 27.05 -9.46 22.20
H222 1PE FA . 25.68 -9.39 21.42
H131 1PE FA . 23.62 -8.86 25.20
H132 1PE FA . 24.66 -7.67 25.02
H231 1PE FA . 24.51 -9.93 23.61
H232 1PE FA . 25.92 -9.93 24.36
H141 1PE FA . 27.74 -7.76 27.80
H142 1PE FA . 26.35 -8.03 28.51
H241 1PE FA . 26.92 -8.66 25.83
H242 1PE FA . 26.78 -9.74 26.99
H151 1PE FA . 28.79 -5.16 27.66
H152 1PE FA . 28.26 -5.94 26.39
H251 1PE FA . 26.82 -5.32 28.57
H252 1PE FA . 26.15 -4.69 27.28
H161 1PE FA . 30.68 -4.61 25.45
H162 1PE FA . 29.66 -5.78 25.08
H261 1PE FA . 29.15 -3.01 24.90
H262 1PE FA . 28.18 -4.10 24.28
HO7 1PE FA . 31.12 -5.37 23.48
O1 OXY GA . 15.86 -0.75 21.73
O2 OXY GA . 16.00 -1.45 22.70
O1 OXY HA . 0.58 13.80 -5.40
O2 OXY HA . 1.09 12.91 -4.75
O1 OXY IA . 18.63 15.37 -15.56
O2 OXY IA . 19.32 16.33 -15.84
O1 OXY JA . 17.26 1.76 -7.00
O2 OXY JA . 16.59 0.76 -7.12
#